data_5TNU
#
_entry.id   5TNU
#
_cell.length_a   160.922
_cell.length_b   160.922
_cell.length_c   122.960
_cell.angle_alpha   90.000
_cell.angle_beta   90.000
_cell.angle_gamma   90.000
#
_symmetry.space_group_name_H-M   'P 43 21 2'
#
loop_
_entity.id
_entity.type
_entity.pdbx_description
1 polymer 'DNA-dependent ATPase XPBII'
2 non-polymer 'SULFATE ION'
3 non-polymer 'CHLORIDE ION'
4 non-polymer GLYCEROL
5 water water
#
_entity_poly.entity_id   1
_entity_poly.type   'polypeptide(L)'
_entity_poly.pdbx_seq_one_letter_code
;MGSSHHHHHHSSGLVPRGSHMVYLRYFKGLILSDAYAPGLKWSDELKAYSALAFKYRDVRKYFLEKEIEVEENVIDSLPF
PLIKDKIELRDYQAEAVKAWLKEKRGIIVLPTGAGKTQVALKIVSIMKVATLIVVPTIDLITQWKERINKYLDFDPGIIG
GGEDSLKGITVITYDSAYTRAEELGNKFPLLIFDEVHHLPSEGYSIMAQLFASPYRLGLTATPERDDGKHELYPILVGPI
VYRKSVEELAGKYIAKYKIKKLYVSLTNEEKKRYDGLRKKLKDFLSSRGLKLQNLDDFHRLVKLAAKDKEAREALLAWHE
SLNIAVNSQSKIEKLREILQEYKNEKIIVFTRDTQMAYRISKTFLIPVVTYKTDKDEREEILQKFRDGEYRVIVASTVFD
EGVDVPDATLAIVMGGYGTKRQFLQRLGRILRKKDKEALLIEIVTKGTADYRLSRRRRE
;
_entity_poly.pdbx_strand_id   A,B
#
loop_
_chem_comp.id
_chem_comp.type
_chem_comp.name
_chem_comp.formula
CL non-polymer 'CHLORIDE ION' 'Cl -1'
GOL non-polymer GLYCEROL 'C3 H8 O3'
SO4 non-polymer 'SULFATE ION' 'O4 S -2'
#
# COMPACT_ATOMS: atom_id res chain seq x y z
N SER A 19 55.76 8.20 -8.27
CA SER A 19 55.56 8.44 -9.74
C SER A 19 54.32 9.30 -9.90
N HIS A 20 53.60 9.10 -11.01
CA HIS A 20 52.39 9.87 -11.33
C HIS A 20 51.20 9.53 -10.40
N MET A 21 51.22 8.35 -9.76
CA MET A 21 50.06 7.82 -9.08
C MET A 21 49.55 8.67 -7.90
N VAL A 22 48.30 9.10 -8.01
CA VAL A 22 47.51 9.60 -6.89
C VAL A 22 47.08 8.41 -6.07
N TYR A 23 47.05 8.56 -4.76
CA TYR A 23 46.48 7.52 -3.87
C TYR A 23 45.01 7.79 -3.50
N LEU A 24 44.13 6.83 -3.78
CA LEU A 24 42.70 6.96 -3.52
C LEU A 24 42.23 5.81 -2.63
N ARG A 25 41.73 6.15 -1.44
CA ARG A 25 41.43 5.14 -0.43
C ARG A 25 40.10 5.37 0.25
N TYR A 26 39.51 4.27 0.70
CA TYR A 26 38.33 4.33 1.55
C TYR A 26 38.76 4.36 3.02
N PHE A 27 38.13 5.21 3.82
CA PHE A 27 38.36 5.18 5.28
C PHE A 27 37.13 5.50 6.12
N LYS A 28 36.55 4.45 6.72
CA LYS A 28 35.44 4.59 7.61
C LYS A 28 34.35 5.46 7.04
N GLY A 29 34.00 5.22 5.78
CA GLY A 29 32.85 5.89 5.17
C GLY A 29 33.25 7.11 4.39
N LEU A 30 34.55 7.31 4.20
CA LEU A 30 35.06 8.47 3.50
C LEU A 30 35.85 8.03 2.30
N ILE A 31 35.99 8.96 1.37
CA ILE A 31 36.94 8.83 0.25
C ILE A 31 38.14 9.75 0.53
N LEU A 32 39.36 9.20 0.43
CA LEU A 32 40.60 9.93 0.73
C LEU A 32 41.55 9.92 -0.42
N SER A 33 41.97 11.10 -0.85
CA SER A 33 42.75 11.29 -2.07
C SER A 33 43.94 12.18 -1.77
N ASP A 34 45.07 11.91 -2.42
CA ASP A 34 46.25 12.81 -2.36
C ASP A 34 46.00 14.15 -3.03
N ALA A 35 45.22 14.17 -4.11
CA ALA A 35 45.05 15.35 -4.91
C ALA A 35 43.62 15.77 -4.98
N TYR A 36 43.40 17.07 -5.07
CA TYR A 36 42.06 17.61 -5.22
C TYR A 36 41.31 16.95 -6.37
N ALA A 37 40.00 16.84 -6.20
CA ALA A 37 39.06 16.56 -7.27
C ALA A 37 37.76 17.25 -6.90
N PRO A 38 36.98 17.67 -7.88
CA PRO A 38 35.79 18.44 -7.53
C PRO A 38 34.87 17.74 -6.52
N GLY A 39 34.39 18.50 -5.55
CA GLY A 39 33.59 17.96 -4.46
C GLY A 39 34.42 17.51 -3.28
N LEU A 40 35.73 17.43 -3.44
CA LEU A 40 36.62 17.21 -2.31
C LEU A 40 36.91 18.50 -1.54
N LYS A 41 37.48 18.30 -0.34
CA LYS A 41 37.90 19.36 0.56
C LYS A 41 39.03 18.82 1.40
N TRP A 42 39.91 19.70 1.82
CA TRP A 42 41.18 19.28 2.39
C TRP A 42 41.05 19.27 3.91
N SER A 43 41.55 18.24 4.55
CA SER A 43 41.47 18.18 6.00
C SER A 43 42.87 18.02 6.55
N ASP A 44 43.28 19.00 7.33
CA ASP A 44 44.66 18.99 7.90
C ASP A 44 44.82 17.76 8.78
N GLU A 45 43.69 17.25 9.27
CA GLU A 45 43.66 16.21 10.28
C GLU A 45 44.06 14.91 9.59
N LEU A 46 43.47 14.65 8.43
CA LEU A 46 43.79 13.44 7.69
C LEU A 46 45.02 13.58 6.78
N LYS A 47 45.47 14.82 6.52
CA LYS A 47 46.55 15.09 5.58
C LYS A 47 46.16 14.51 4.23
N ALA A 48 44.95 14.90 3.78
CA ALA A 48 44.43 14.46 2.49
C ALA A 48 43.18 15.25 2.14
N TYR A 49 42.79 15.15 0.88
CA TYR A 49 41.49 15.68 0.45
C TYR A 49 40.50 14.57 0.70
N SER A 50 39.30 14.94 1.10
CA SER A 50 38.32 13.95 1.50
C SER A 50 36.90 14.39 1.23
N ALA A 51 36.03 13.39 1.21
CA ALA A 51 34.60 13.61 1.15
C ALA A 51 33.91 12.33 1.57
N LEU A 52 32.62 12.42 1.79
CA LEU A 52 31.83 11.23 1.92
C LEU A 52 32.08 10.30 0.75
N ALA A 53 32.13 9.00 1.02
CA ALA A 53 32.60 8.04 0.01
C ALA A 53 31.66 7.83 -1.19
N PHE A 54 30.45 8.37 -1.15
CA PHE A 54 29.60 8.43 -2.35
C PHE A 54 30.33 9.04 -3.52
N LYS A 55 31.16 10.03 -3.24
CA LYS A 55 31.95 10.72 -4.26
C LYS A 55 32.91 9.84 -5.04
N TYR A 56 33.16 8.64 -4.57
CA TYR A 56 34.19 7.79 -5.18
C TYR A 56 34.09 7.65 -6.69
N ARG A 57 32.91 7.39 -7.24
CA ARG A 57 32.78 7.18 -8.68
C ARG A 57 33.23 8.44 -9.44
N ASP A 58 32.62 9.59 -9.12
CA ASP A 58 32.97 10.84 -9.80
C ASP A 58 34.45 11.28 -9.65
N VAL A 59 35.05 11.02 -8.50
CA VAL A 59 36.45 11.36 -8.25
C VAL A 59 37.40 10.45 -9.04
N ARG A 60 37.01 9.20 -9.20
CA ARG A 60 37.78 8.26 -9.99
C ARG A 60 37.70 8.63 -11.46
N LYS A 61 36.46 8.83 -11.92
CA LYS A 61 36.17 9.10 -13.33
C LYS A 61 36.92 10.35 -13.77
N TYR A 62 36.79 11.41 -12.98
CA TYR A 62 37.48 12.69 -13.21
C TYR A 62 38.99 12.54 -13.37
N PHE A 63 39.65 11.80 -12.49
CA PHE A 63 41.09 11.57 -12.63
C PHE A 63 41.44 10.77 -13.88
N LEU A 64 40.54 9.88 -14.30
CA LEU A 64 40.70 9.16 -15.56
C LEU A 64 40.53 10.11 -16.75
N GLU A 65 39.43 10.87 -16.79
CA GLU A 65 39.20 11.91 -17.81
C GLU A 65 40.30 13.00 -17.88
N LYS A 66 40.85 13.35 -16.72
CA LYS A 66 41.99 14.28 -16.65
C LYS A 66 43.29 13.49 -16.83
N GLU A 67 43.18 12.23 -17.27
CA GLU A 67 44.33 11.39 -17.61
C GLU A 67 45.41 11.26 -16.54
N ILE A 68 45.00 11.37 -15.28
CA ILE A 68 45.90 11.22 -14.14
C ILE A 68 45.75 9.79 -13.62
N GLU A 69 46.87 9.10 -13.46
CA GLU A 69 46.85 7.69 -13.06
C GLU A 69 46.75 7.55 -11.53
N VAL A 70 45.91 6.60 -11.09
CA VAL A 70 45.47 6.47 -9.68
C VAL A 70 45.76 5.09 -9.10
N GLU A 71 46.37 5.05 -7.92
CA GLU A 71 46.49 3.81 -7.15
C GLU A 71 45.32 3.75 -6.20
N GLU A 72 44.58 2.65 -6.27
CA GLU A 72 43.27 2.55 -5.68
C GLU A 72 43.18 1.42 -4.64
N ASN A 73 42.78 1.79 -3.42
CA ASN A 73 42.47 0.81 -2.38
C ASN A 73 41.09 1.14 -1.80
N VAL A 74 40.11 1.29 -2.70
CA VAL A 74 38.77 1.72 -2.29
C VAL A 74 37.80 0.55 -2.05
N ILE A 75 37.62 -0.30 -3.04
CA ILE A 75 36.60 -1.32 -2.91
C ILE A 75 37.20 -2.65 -2.44
N ASP A 76 36.60 -3.28 -1.44
CA ASP A 76 37.01 -4.60 -0.99
C ASP A 76 35.79 -5.48 -1.13
N SER A 77 35.55 -5.90 -2.37
CA SER A 77 34.29 -6.53 -2.69
C SER A 77 34.23 -7.92 -2.17
N LEU A 78 33.07 -8.29 -1.59
CA LEU A 78 32.75 -9.69 -1.41
C LEU A 78 32.65 -10.32 -2.77
N PRO A 79 32.80 -11.63 -2.82
CA PRO A 79 32.69 -12.33 -4.06
C PRO A 79 31.25 -12.62 -4.45
N PHE A 80 30.96 -12.46 -5.74
CA PHE A 80 29.63 -12.71 -6.30
C PHE A 80 29.46 -14.20 -6.49
N PRO A 81 28.31 -14.76 -6.06
CA PRO A 81 28.07 -16.20 -6.08
C PRO A 81 27.71 -16.71 -7.46
N LEU A 82 27.64 -18.03 -7.61
CA LEU A 82 27.12 -18.57 -8.83
C LEU A 82 25.64 -18.43 -8.70
N ILE A 83 24.99 -18.03 -9.81
CA ILE A 83 23.53 -17.86 -9.88
C ILE A 83 22.95 -18.57 -11.09
N LYS A 84 21.65 -18.80 -11.04
CA LYS A 84 20.93 -19.27 -12.20
C LYS A 84 19.77 -18.34 -12.47
N ASP A 85 19.96 -17.40 -13.38
CA ASP A 85 18.92 -16.43 -13.72
C ASP A 85 17.68 -17.12 -14.33
N LYS A 86 16.53 -17.02 -13.68
CA LYS A 86 15.28 -17.57 -14.20
C LYS A 86 14.25 -16.45 -14.43
N ILE A 87 14.73 -15.31 -14.91
CA ILE A 87 13.90 -14.14 -14.98
C ILE A 87 13.65 -13.90 -16.43
N GLU A 88 12.39 -14.04 -16.84
CA GLU A 88 11.96 -13.55 -18.13
C GLU A 88 11.21 -12.24 -17.94
N LEU A 89 11.81 -11.15 -18.42
CA LEU A 89 11.24 -9.81 -18.21
C LEU A 89 10.13 -9.46 -19.18
N ARG A 90 9.14 -8.73 -18.68
CA ARG A 90 8.15 -8.08 -19.52
C ARG A 90 8.77 -6.93 -20.32
N ASP A 91 8.00 -6.43 -21.29
CA ASP A 91 8.46 -5.34 -22.19
C ASP A 91 8.91 -4.08 -21.43
N TYR A 92 8.07 -3.59 -20.52
CA TYR A 92 8.40 -2.41 -19.72
C TYR A 92 9.53 -2.68 -18.74
N GLN A 93 9.47 -3.83 -18.07
CA GLN A 93 10.54 -4.28 -17.15
C GLN A 93 11.91 -4.20 -17.81
N ALA A 94 11.98 -4.71 -19.04
CA ALA A 94 13.26 -4.78 -19.74
C ALA A 94 13.70 -3.41 -20.21
N GLU A 95 12.72 -2.58 -20.54
CA GLU A 95 12.94 -1.17 -20.85
C GLU A 95 13.69 -0.54 -19.68
N ALA A 96 13.11 -0.70 -18.49
CA ALA A 96 13.66 -0.14 -17.26
C ALA A 96 15.12 -0.49 -17.12
N VAL A 97 15.40 -1.79 -17.17
CA VAL A 97 16.77 -2.28 -17.03
C VAL A 97 17.70 -1.53 -17.97
N LYS A 98 17.29 -1.41 -19.23
CA LYS A 98 18.11 -0.80 -20.23
C LYS A 98 18.31 0.68 -19.89
N ALA A 99 17.23 1.32 -19.44
CA ALA A 99 17.30 2.72 -19.03
C ALA A 99 18.34 2.86 -17.96
N TRP A 100 18.25 1.99 -16.96
CA TRP A 100 19.14 2.05 -15.83
C TRP A 100 20.60 1.89 -16.25
N LEU A 101 20.88 0.97 -17.16
CA LEU A 101 22.26 0.59 -17.48
C LEU A 101 23.07 1.68 -18.16
N LYS A 102 22.39 2.72 -18.64
CA LYS A 102 23.09 3.84 -19.27
C LYS A 102 24.04 4.39 -18.24
N GLU A 103 23.47 4.89 -17.15
CA GLU A 103 24.28 5.49 -16.08
C GLU A 103 24.59 4.53 -14.90
N LYS A 104 23.74 3.53 -14.68
CA LYS A 104 23.89 2.59 -13.56
C LYS A 104 23.86 3.32 -12.23
N ARG A 105 23.01 4.33 -12.14
CA ARG A 105 22.94 5.14 -10.94
C ARG A 105 21.67 5.95 -11.04
N GLY A 106 20.58 5.37 -10.53
CA GLY A 106 19.32 6.05 -10.62
C GLY A 106 18.15 5.26 -10.09
N ILE A 107 16.99 5.88 -10.17
CA ILE A 107 15.80 5.35 -9.56
C ILE A 107 14.82 4.92 -10.66
N ILE A 108 14.17 3.80 -10.43
CA ILE A 108 13.22 3.28 -11.35
C ILE A 108 11.88 3.35 -10.64
N VAL A 109 10.96 4.15 -11.17
CA VAL A 109 9.62 4.27 -10.61
C VAL A 109 8.65 3.43 -11.39
N LEU A 110 7.86 2.62 -10.69
CA LEU A 110 6.83 1.78 -11.31
C LEU A 110 5.75 1.54 -10.32
N PRO A 111 4.51 1.52 -10.81
CA PRO A 111 3.42 1.27 -9.88
C PRO A 111 3.63 -0.05 -9.20
N THR A 112 3.13 -0.18 -7.98
CA THR A 112 3.14 -1.46 -7.30
C THR A 112 2.34 -2.45 -8.14
N GLY A 113 2.62 -3.74 -7.98
CA GLY A 113 2.04 -4.78 -8.84
C GLY A 113 2.79 -5.04 -10.13
N ALA A 114 3.67 -4.11 -10.54
CA ALA A 114 4.34 -4.16 -11.86
C ALA A 114 5.65 -4.96 -11.88
N GLY A 115 6.07 -5.51 -10.73
CA GLY A 115 7.25 -6.39 -10.68
C GLY A 115 8.61 -5.70 -10.62
N LYS A 116 8.71 -4.76 -9.70
CA LYS A 116 9.95 -4.03 -9.45
C LYS A 116 11.07 -5.01 -9.07
N THR A 117 10.70 -6.01 -8.25
CA THR A 117 11.69 -6.93 -7.73
C THR A 117 12.47 -7.58 -8.86
N GLN A 118 11.73 -8.10 -9.85
CA GLN A 118 12.34 -8.83 -10.97
C GLN A 118 13.22 -7.96 -11.85
N VAL A 119 12.85 -6.69 -11.96
CA VAL A 119 13.70 -5.73 -12.64
C VAL A 119 15.03 -5.62 -11.94
N ALA A 120 15.00 -5.61 -10.60
CA ALA A 120 16.20 -5.37 -9.83
C ALA A 120 17.12 -6.60 -9.84
N LEU A 121 16.52 -7.75 -9.61
CA LEU A 121 17.24 -9.01 -9.66
C LEU A 121 17.84 -9.33 -11.04
N LYS A 122 17.16 -8.94 -12.13
CA LYS A 122 17.78 -8.99 -13.44
C LYS A 122 19.06 -8.11 -13.53
N ILE A 123 18.99 -6.88 -13.04
CA ILE A 123 20.14 -6.03 -12.98
C ILE A 123 21.26 -6.70 -12.17
N VAL A 124 20.89 -7.36 -11.09
CA VAL A 124 21.90 -8.07 -10.28
C VAL A 124 22.53 -9.17 -11.12
N SER A 125 21.69 -9.96 -11.79
CA SER A 125 22.13 -11.02 -12.70
C SER A 125 23.08 -10.52 -13.80
N ILE A 126 22.75 -9.39 -14.40
CA ILE A 126 23.59 -8.81 -15.45
C ILE A 126 24.95 -8.40 -14.92
N MET A 127 24.94 -7.65 -13.84
CA MET A 127 26.12 -6.91 -13.40
C MET A 127 27.22 -7.81 -12.81
N LYS A 128 26.81 -8.93 -12.22
CA LYS A 128 27.74 -9.93 -11.67
C LYS A 128 28.72 -9.32 -10.65
N VAL A 129 28.25 -8.40 -9.83
CA VAL A 129 29.05 -7.86 -8.77
C VAL A 129 28.30 -7.98 -7.45
N ALA A 130 29.06 -7.98 -6.35
CA ALA A 130 28.48 -8.14 -5.02
C ALA A 130 27.45 -7.06 -4.77
N THR A 131 26.35 -7.44 -4.13
CA THR A 131 25.17 -6.61 -4.07
C THR A 131 24.59 -6.50 -2.69
N LEU A 132 24.31 -5.28 -2.27
CA LEU A 132 23.59 -5.05 -1.03
C LEU A 132 22.21 -4.43 -1.33
N ILE A 133 21.18 -5.17 -0.96
CA ILE A 133 19.82 -4.71 -1.13
C ILE A 133 19.29 -4.29 0.23
N VAL A 134 19.01 -3.00 0.35
CA VAL A 134 18.61 -2.40 1.61
C VAL A 134 17.10 -2.23 1.62
N VAL A 135 16.42 -2.78 2.62
CA VAL A 135 14.96 -2.65 2.70
C VAL A 135 14.49 -2.11 4.05
N PRO A 136 13.39 -1.34 4.07
CA PRO A 136 13.04 -0.59 5.25
C PRO A 136 12.41 -1.42 6.34
N THR A 137 11.93 -2.60 6.00
CA THR A 137 11.20 -3.43 6.97
C THR A 137 11.64 -4.86 6.95
N ILE A 138 11.49 -5.52 8.08
CA ILE A 138 11.76 -6.93 8.19
C ILE A 138 10.83 -7.76 7.34
N ASP A 139 9.59 -7.31 7.18
CA ASP A 139 8.70 -8.03 6.29
C ASP A 139 9.30 -8.06 4.89
N LEU A 140 9.86 -6.96 4.45
CA LEU A 140 10.43 -6.92 3.11
C LEU A 140 11.67 -7.77 2.98
N ILE A 141 12.40 -7.96 4.07
CA ILE A 141 13.50 -8.90 4.08
C ILE A 141 13.04 -10.24 3.57
N THR A 142 12.04 -10.77 4.25
CA THR A 142 11.52 -12.09 3.92
C THR A 142 11.15 -12.18 2.46
N GLN A 143 10.52 -11.14 1.96
CA GLN A 143 10.09 -11.13 0.59
C GLN A 143 11.29 -11.26 -0.33
N TRP A 144 12.21 -10.31 -0.29
CA TRP A 144 13.40 -10.36 -1.13
C TRP A 144 14.13 -11.71 -0.97
N LYS A 145 14.22 -12.22 0.26
CA LYS A 145 14.82 -13.52 0.48
C LYS A 145 14.18 -14.53 -0.44
N GLU A 146 12.85 -14.56 -0.42
CA GLU A 146 12.10 -15.52 -1.22
C GLU A 146 12.31 -15.33 -2.72
N ARG A 147 12.29 -14.09 -3.18
CA ARG A 147 12.45 -13.83 -4.60
C ARG A 147 13.86 -14.06 -5.10
N ILE A 148 14.85 -13.88 -4.24
CA ILE A 148 16.22 -14.09 -4.69
C ILE A 148 16.41 -15.60 -4.83
N ASN A 149 15.87 -16.36 -3.89
CA ASN A 149 15.90 -17.81 -4.03
C ASN A 149 15.18 -18.31 -5.27
N LYS A 150 14.09 -17.63 -5.64
CA LYS A 150 13.26 -18.04 -6.78
C LYS A 150 13.90 -17.68 -8.09
N TYR A 151 14.28 -16.44 -8.25
CA TYR A 151 14.69 -15.93 -9.54
C TYR A 151 16.17 -15.99 -9.81
N LEU A 152 16.99 -16.03 -8.78
CA LEU A 152 18.43 -16.12 -8.98
C LEU A 152 19.02 -17.39 -8.43
N ASP A 153 18.17 -18.23 -7.85
CA ASP A 153 18.61 -19.53 -7.39
C ASP A 153 19.71 -19.43 -6.34
N PHE A 154 19.70 -18.32 -5.60
CA PHE A 154 20.69 -18.06 -4.57
C PHE A 154 20.02 -17.71 -3.25
N ASP A 155 20.54 -18.22 -2.16
CA ASP A 155 20.03 -17.86 -0.83
C ASP A 155 20.88 -16.72 -0.26
N PRO A 156 20.31 -15.52 -0.17
CA PRO A 156 21.15 -14.41 0.15
C PRO A 156 21.46 -14.36 1.61
N GLY A 157 22.45 -13.54 1.93
CA GLY A 157 22.76 -13.19 3.31
C GLY A 157 21.73 -12.22 3.81
N ILE A 158 21.55 -12.19 5.13
CA ILE A 158 20.50 -11.43 5.77
C ILE A 158 21.09 -10.72 6.96
N ILE A 159 20.95 -9.41 6.96
CA ILE A 159 21.28 -8.64 8.15
C ILE A 159 20.05 -7.88 8.63
N GLY A 160 19.42 -8.41 9.68
CA GLY A 160 18.19 -7.89 10.24
C GLY A 160 17.26 -9.03 10.66
N GLY A 161 16.31 -8.68 11.51
CA GLY A 161 15.34 -9.63 11.98
C GLY A 161 15.95 -10.65 12.90
N GLY A 162 17.16 -10.39 13.37
CA GLY A 162 17.85 -11.30 14.28
C GLY A 162 18.95 -12.09 13.59
N GLU A 163 19.01 -12.01 12.26
CA GLU A 163 20.05 -12.65 11.49
C GLU A 163 21.20 -11.68 11.20
N ASP A 164 22.39 -12.23 10.92
CA ASP A 164 23.54 -11.41 10.59
C ASP A 164 24.58 -12.18 9.77
N SER A 165 24.18 -12.58 8.57
CA SER A 165 25.04 -13.38 7.69
C SER A 165 25.34 -12.51 6.51
N LEU A 166 26.60 -12.48 6.12
CA LEU A 166 27.07 -11.56 5.10
C LEU A 166 27.49 -12.40 3.93
N LYS A 167 27.10 -12.01 2.72
CA LYS A 167 27.20 -12.88 1.55
C LYS A 167 27.40 -12.04 0.34
N GLY A 168 27.73 -12.69 -0.77
CA GLY A 168 27.88 -11.98 -2.03
C GLY A 168 26.65 -11.23 -2.51
N ILE A 169 25.47 -11.73 -2.17
CA ILE A 169 24.25 -10.95 -2.26
C ILE A 169 23.62 -10.96 -0.92
N THR A 170 23.36 -9.77 -0.38
CA THR A 170 22.87 -9.62 0.99
C THR A 170 21.73 -8.65 1.07
N VAL A 171 20.70 -9.03 1.80
CA VAL A 171 19.57 -8.18 2.09
C VAL A 171 19.75 -7.67 3.52
N ILE A 172 19.55 -6.36 3.69
CA ILE A 172 19.77 -5.67 4.96
C ILE A 172 18.65 -4.67 5.21
N THR A 173 18.33 -4.43 6.47
CA THR A 173 17.41 -3.35 6.83
C THR A 173 18.09 -1.99 6.80
N TYR A 174 17.28 -0.95 6.63
CA TYR A 174 17.78 0.42 6.63
C TYR A 174 18.44 0.67 7.96
N ASP A 175 17.80 0.27 9.05
CA ASP A 175 18.38 0.47 10.38
C ASP A 175 19.70 -0.23 10.54
N SER A 176 19.81 -1.44 10.04
CA SER A 176 21.09 -2.16 10.18
C SER A 176 22.18 -1.59 9.28
N ALA A 177 21.79 -1.05 8.13
CA ALA A 177 22.75 -0.46 7.22
C ALA A 177 23.39 0.75 7.89
N TYR A 178 22.57 1.45 8.67
CA TYR A 178 23.03 2.62 9.39
C TYR A 178 24.06 2.16 10.38
N THR A 179 23.74 1.09 11.11
CA THR A 179 24.61 0.60 12.18
C THR A 179 25.91 0.16 11.59
N ARG A 180 25.84 -0.37 10.38
CA ARG A 180 26.95 -1.03 9.73
C ARG A 180 27.57 -0.24 8.57
N ALA A 181 27.12 1.00 8.37
CA ALA A 181 27.54 1.80 7.21
C ALA A 181 29.03 1.87 6.98
N GLU A 182 29.79 2.26 7.98
CA GLU A 182 31.23 2.36 7.81
C GLU A 182 31.88 1.05 7.40
N GLU A 183 31.38 -0.07 7.90
CA GLU A 183 32.04 -1.36 7.66
C GLU A 183 31.69 -1.87 6.30
N LEU A 184 30.46 -1.61 5.87
CA LEU A 184 29.94 -2.21 4.65
C LEU A 184 30.01 -1.28 3.47
N GLY A 185 30.47 -0.06 3.72
CA GLY A 185 30.48 0.98 2.71
C GLY A 185 31.26 0.69 1.44
N ASN A 186 32.39 -0.02 1.58
CA ASN A 186 33.20 -0.38 0.42
C ASN A 186 33.17 -1.87 0.08
N LYS A 187 32.11 -2.55 0.47
CA LYS A 187 32.05 -3.98 0.28
C LYS A 187 31.23 -4.41 -0.94
N PHE A 188 30.22 -3.65 -1.31
CA PHE A 188 29.30 -4.05 -2.35
C PHE A 188 29.31 -3.03 -3.45
N PRO A 189 29.72 -3.43 -4.65
CA PRO A 189 29.78 -2.42 -5.72
C PRO A 189 28.42 -1.96 -6.19
N LEU A 190 27.42 -2.82 -6.04
CA LEU A 190 26.07 -2.48 -6.43
C LEU A 190 25.22 -2.34 -5.19
N LEU A 191 24.54 -1.22 -5.08
CA LEU A 191 23.78 -0.92 -3.90
C LEU A 191 22.37 -0.61 -4.35
N ILE A 192 21.41 -1.35 -3.81
CA ILE A 192 20.01 -1.23 -4.19
C ILE A 192 19.17 -0.84 -2.98
N PHE A 193 18.44 0.26 -3.08
CA PHE A 193 17.54 0.72 -2.03
C PHE A 193 16.13 0.45 -2.47
N ASP A 194 15.42 -0.40 -1.76
CA ASP A 194 13.99 -0.58 -1.98
C ASP A 194 13.24 0.51 -1.21
N GLU A 195 12.05 0.87 -1.67
CA GLU A 195 11.23 1.95 -1.08
C GLU A 195 12.05 3.24 -0.89
N VAL A 196 12.74 3.63 -1.94
CA VAL A 196 13.83 4.58 -1.81
C VAL A 196 13.37 5.97 -1.37
N HIS A 197 12.06 6.19 -1.37
CA HIS A 197 11.50 7.42 -0.79
C HIS A 197 11.71 7.53 0.72
N HIS A 198 12.04 6.42 1.39
CA HIS A 198 12.44 6.49 2.80
C HIS A 198 13.84 7.04 3.03
N LEU A 199 14.69 6.94 2.02
CA LEU A 199 16.10 7.20 2.18
C LEU A 199 16.45 8.64 2.53
N PRO A 200 15.63 9.60 2.10
CA PRO A 200 16.08 10.95 2.42
C PRO A 200 15.76 11.37 3.86
N SER A 201 14.98 10.54 4.58
CA SER A 201 14.61 10.76 6.00
C SER A 201 15.78 10.97 6.93
N GLU A 202 15.47 11.37 8.16
CA GLU A 202 16.49 11.57 9.20
C GLU A 202 17.23 10.27 9.46
N GLY A 203 18.55 10.33 9.53
CA GLY A 203 19.36 9.16 9.90
C GLY A 203 19.80 8.44 8.65
N TYR A 204 18.80 8.02 7.89
CA TYR A 204 19.05 7.35 6.62
C TYR A 204 19.78 8.19 5.57
N SER A 205 19.48 9.48 5.52
CA SER A 205 20.05 10.32 4.47
C SER A 205 21.57 10.36 4.50
N ILE A 206 22.14 10.29 5.70
CA ILE A 206 23.60 10.35 5.85
C ILE A 206 24.19 8.99 5.55
N MET A 207 23.47 7.96 6.00
CA MET A 207 23.93 6.59 5.86
C MET A 207 24.34 6.20 4.44
N ALA A 208 23.56 6.62 3.46
CA ALA A 208 23.80 6.24 2.05
C ALA A 208 25.04 6.90 1.49
N GLN A 209 25.38 8.08 2.00
CA GLN A 209 26.52 8.82 1.48
C GLN A 209 27.86 8.24 1.95
N LEU A 210 27.82 7.28 2.84
CA LEU A 210 29.03 6.63 3.28
C LEU A 210 29.41 5.49 2.38
N PHE A 211 28.45 5.02 1.55
CA PHE A 211 28.74 3.87 0.69
C PHE A 211 29.43 4.31 -0.59
N ALA A 212 30.63 3.78 -0.78
CA ALA A 212 31.40 4.05 -1.99
C ALA A 212 30.82 3.41 -3.25
N SER A 213 29.87 2.50 -3.08
CA SER A 213 29.27 1.74 -4.16
C SER A 213 29.03 2.58 -5.43
N PRO A 214 29.73 2.23 -6.53
CA PRO A 214 29.62 2.94 -7.81
C PRO A 214 28.26 2.79 -8.49
N TYR A 215 27.72 1.58 -8.44
CA TYR A 215 26.43 1.29 -9.03
C TYR A 215 25.34 1.37 -7.96
N ARG A 216 24.33 2.18 -8.24
CA ARG A 216 23.30 2.46 -7.28
C ARG A 216 21.93 2.42 -7.94
N LEU A 217 20.97 1.79 -7.27
CA LEU A 217 19.64 1.63 -7.82
C LEU A 217 18.63 1.85 -6.73
N GLY A 218 17.70 2.77 -6.99
CA GLY A 218 16.54 2.95 -6.13
C GLY A 218 15.30 2.44 -6.80
N LEU A 219 14.34 1.97 -6.00
CA LEU A 219 13.05 1.50 -6.46
C LEU A 219 11.98 2.12 -5.62
N THR A 220 10.96 2.69 -6.26
CA THR A 220 9.76 3.11 -5.56
C THR A 220 8.61 3.31 -6.49
N ALA A 221 7.40 3.22 -5.96
CA ALA A 221 6.19 3.65 -6.68
C ALA A 221 5.85 5.13 -6.46
N THR A 222 6.49 5.77 -5.47
CA THR A 222 6.07 7.06 -4.96
C THR A 222 7.27 7.98 -4.64
N PRO A 223 8.01 8.39 -5.66
CA PRO A 223 9.29 9.09 -5.42
C PRO A 223 9.19 10.44 -4.74
N GLU A 224 8.01 11.06 -4.82
CA GLU A 224 7.84 12.38 -4.25
C GLU A 224 7.46 12.33 -2.78
N ARG A 225 8.01 13.26 -2.02
CA ARG A 225 7.77 13.40 -0.59
C ARG A 225 7.16 14.77 -0.37
N ASP A 226 6.34 14.90 0.66
CA ASP A 226 5.72 16.20 0.99
C ASP A 226 6.78 17.23 1.40
N ASP A 227 7.71 16.84 2.24
CA ASP A 227 8.83 17.71 2.61
C ASP A 227 9.80 17.97 1.46
N GLY A 228 9.57 17.30 0.33
CA GLY A 228 10.34 17.54 -0.87
C GLY A 228 11.80 17.22 -0.66
N LYS A 229 12.07 16.36 0.32
CA LYS A 229 13.44 15.96 0.62
C LYS A 229 13.94 14.99 -0.46
N HIS A 230 13.05 14.58 -1.37
CA HIS A 230 13.47 13.89 -2.60
C HIS A 230 14.38 14.71 -3.51
N GLU A 231 14.50 16.00 -3.22
CA GLU A 231 15.47 16.83 -3.89
C GLU A 231 16.87 16.29 -3.69
N LEU A 232 17.04 15.40 -2.71
CA LEU A 232 18.35 14.82 -2.38
C LEU A 232 18.78 13.64 -3.23
N TYR A 233 17.84 12.99 -3.92
CA TYR A 233 18.14 11.75 -4.59
C TYR A 233 19.47 11.74 -5.34
N PRO A 234 19.81 12.82 -6.04
CA PRO A 234 21.08 12.88 -6.75
C PRO A 234 22.35 12.69 -5.95
N ILE A 235 22.30 12.96 -4.65
CA ILE A 235 23.50 12.72 -3.83
C ILE A 235 23.47 11.41 -3.04
N LEU A 236 22.37 10.69 -3.16
CA LEU A 236 22.15 9.43 -2.45
C LEU A 236 22.16 8.21 -3.37
N VAL A 237 21.33 8.24 -4.39
CA VAL A 237 21.23 7.16 -5.33
C VAL A 237 21.53 7.66 -6.73
N GLY A 238 20.85 8.70 -7.17
CA GLY A 238 20.89 9.19 -8.54
C GLY A 238 19.48 9.65 -8.88
N PRO A 239 19.30 10.26 -10.06
CA PRO A 239 17.98 10.78 -10.43
C PRO A 239 17.06 9.67 -10.84
N ILE A 240 15.85 10.03 -11.20
CA ILE A 240 14.93 9.05 -11.75
C ILE A 240 15.31 8.85 -13.21
N VAL A 241 15.47 7.60 -13.62
CA VAL A 241 15.90 7.29 -14.98
C VAL A 241 14.82 6.54 -15.75
N TYR A 242 13.70 6.26 -15.08
CA TYR A 242 12.60 5.52 -15.68
C TYR A 242 11.34 5.58 -14.81
N ARG A 243 10.30 6.16 -15.37
CA ARG A 243 9.06 6.36 -14.66
C ARG A 243 7.94 6.08 -15.61
N LYS A 244 6.92 5.36 -15.15
CA LYS A 244 5.82 5.00 -16.03
C LYS A 244 4.61 4.75 -15.19
N SER A 245 3.51 5.39 -15.56
CA SER A 245 2.20 5.17 -14.93
C SER A 245 1.65 3.82 -15.31
N VAL A 246 0.70 3.30 -14.54
CA VAL A 246 0.01 2.04 -14.89
C VAL A 246 -0.57 2.16 -16.30
N GLU A 247 -1.17 3.31 -16.54
CA GLU A 247 -1.74 3.66 -17.82
C GLU A 247 -0.66 3.44 -18.88
N GLU A 248 0.45 4.17 -18.73
CA GLU A 248 1.56 4.12 -19.70
C GLU A 248 2.10 2.69 -20.00
N LEU A 249 1.99 1.78 -19.03
CA LEU A 249 2.55 0.44 -19.21
C LEU A 249 1.64 -0.38 -20.08
N ALA A 250 0.34 -0.28 -19.78
CA ALA A 250 -0.68 -1.00 -20.52
C ALA A 250 -0.87 -0.42 -21.92
N GLY A 251 -0.41 0.82 -22.13
CA GLY A 251 -0.58 1.49 -23.40
C GLY A 251 -2.00 1.96 -23.56
N LYS A 252 -2.71 2.12 -22.46
CA LYS A 252 -3.99 2.76 -22.46
C LYS A 252 -3.83 4.23 -22.15
N TYR A 253 -4.88 4.99 -22.48
CA TYR A 253 -5.02 6.35 -22.04
C TYR A 253 -6.19 6.35 -21.08
N ILE A 254 -6.04 7.09 -19.98
CA ILE A 254 -7.16 7.33 -19.07
C ILE A 254 -7.43 8.83 -19.03
N ALA A 255 -8.71 9.17 -18.96
CA ALA A 255 -9.13 10.56 -18.98
C ALA A 255 -9.55 11.04 -17.60
N LYS A 256 -9.11 12.26 -17.29
CA LYS A 256 -9.43 12.94 -16.04
C LYS A 256 -10.94 13.15 -15.91
N TYR A 257 -11.55 13.62 -16.99
CA TYR A 257 -12.99 13.85 -17.04
C TYR A 257 -13.84 12.58 -16.93
N LYS A 258 -15.14 12.81 -16.71
CA LYS A 258 -16.15 11.74 -16.75
C LYS A 258 -16.60 11.51 -18.19
N ILE A 259 -17.16 10.34 -18.46
CA ILE A 259 -17.76 10.06 -19.78
C ILE A 259 -19.16 9.47 -19.63
N LYS A 260 -20.14 10.12 -20.26
CA LYS A 260 -21.55 9.77 -20.12
C LYS A 260 -22.12 9.33 -21.47
N LYS A 261 -22.65 8.10 -21.54
CA LYS A 261 -23.32 7.59 -22.74
C LYS A 261 -24.81 7.92 -22.68
N LEU A 262 -25.34 8.50 -23.75
CA LEU A 262 -26.77 8.80 -23.86
C LEU A 262 -27.34 8.11 -25.08
N TYR A 263 -28.33 7.23 -24.87
CA TYR A 263 -28.90 6.43 -25.96
C TYR A 263 -30.17 7.06 -26.53
N VAL A 264 -30.06 7.67 -27.71
CA VAL A 264 -31.23 7.97 -28.54
C VAL A 264 -31.61 6.75 -29.35
N SER A 265 -32.82 6.80 -29.89
CA SER A 265 -33.28 5.81 -30.88
C SER A 265 -33.66 6.51 -32.20
N LEU A 266 -33.64 5.76 -33.30
CA LEU A 266 -33.88 6.32 -34.65
C LEU A 266 -35.26 6.95 -34.79
N THR A 267 -35.36 8.07 -35.52
CA THR A 267 -36.68 8.60 -35.93
C THR A 267 -37.34 7.59 -36.84
N ASN A 268 -38.66 7.66 -36.92
CA ASN A 268 -39.44 6.59 -37.55
C ASN A 268 -39.25 6.54 -39.06
N GLU A 269 -38.85 7.68 -39.64
CA GLU A 269 -38.38 7.76 -41.03
C GLU A 269 -37.02 7.07 -41.20
N GLU A 270 -36.09 7.42 -40.31
CA GLU A 270 -34.75 6.83 -40.31
C GLU A 270 -34.79 5.32 -40.10
N LYS A 271 -35.57 4.84 -39.14
CA LYS A 271 -35.72 3.40 -38.97
C LYS A 271 -36.08 2.66 -40.26
N LYS A 272 -37.03 3.18 -41.02
CA LYS A 272 -37.60 2.43 -42.15
C LYS A 272 -36.55 2.21 -43.23
N ARG A 273 -35.75 3.25 -43.53
CA ARG A 273 -34.69 3.13 -44.52
C ARG A 273 -33.47 2.38 -43.99
N TYR A 274 -33.07 2.68 -42.76
CA TYR A 274 -32.09 1.87 -42.06
C TYR A 274 -32.49 0.41 -42.26
N ASP A 275 -33.58 -0.02 -41.63
CA ASP A 275 -34.03 -1.42 -41.75
C ASP A 275 -34.00 -1.96 -43.17
N GLY A 276 -34.37 -1.12 -44.13
CA GLY A 276 -34.37 -1.53 -45.52
C GLY A 276 -32.97 -1.91 -45.97
N LEU A 277 -32.03 -1.00 -45.75
CA LEU A 277 -30.65 -1.18 -46.21
C LEU A 277 -30.03 -2.40 -45.57
N ARG A 278 -30.40 -2.62 -44.31
CA ARG A 278 -29.88 -3.73 -43.55
C ARG A 278 -30.34 -5.06 -44.14
N LYS A 279 -31.64 -5.21 -44.38
CA LYS A 279 -32.14 -6.42 -45.03
C LYS A 279 -31.46 -6.66 -46.40
N LYS A 280 -31.10 -5.59 -47.08
CA LYS A 280 -30.43 -5.69 -48.37
C LYS A 280 -29.03 -6.27 -48.16
N LEU A 281 -28.31 -5.77 -47.15
CA LEU A 281 -26.99 -6.30 -46.79
C LEU A 281 -27.07 -7.74 -46.27
N LYS A 282 -28.04 -7.98 -45.38
CA LYS A 282 -28.21 -9.30 -44.76
C LYS A 282 -28.56 -10.39 -45.78
N ASP A 283 -29.56 -10.14 -46.62
CA ASP A 283 -29.94 -11.09 -47.67
C ASP A 283 -28.81 -11.37 -48.67
N PHE A 284 -27.90 -10.42 -48.83
CA PHE A 284 -26.74 -10.67 -49.67
C PHE A 284 -25.79 -11.67 -49.02
N LEU A 285 -25.46 -11.41 -47.76
CA LEU A 285 -24.58 -12.26 -46.98
C LEU A 285 -25.19 -13.62 -46.66
N SER A 286 -26.52 -13.74 -46.75
CA SER A 286 -27.20 -15.06 -46.73
C SER A 286 -26.79 -15.88 -47.94
N SER A 287 -26.84 -15.29 -49.13
CA SER A 287 -26.44 -15.98 -50.35
C SER A 287 -24.95 -16.37 -50.36
N ARG A 288 -24.09 -15.45 -49.91
CA ARG A 288 -22.65 -15.61 -50.02
C ARG A 288 -22.02 -16.13 -48.73
N GLY A 289 -22.76 -16.10 -47.64
CA GLY A 289 -22.32 -16.69 -46.36
C GLY A 289 -21.15 -16.00 -45.68
N LEU A 290 -21.22 -14.66 -45.58
CA LEU A 290 -20.16 -13.88 -44.93
C LEU A 290 -20.55 -13.46 -43.51
N LYS A 291 -19.55 -13.26 -42.66
CA LYS A 291 -19.76 -12.67 -41.34
C LYS A 291 -19.56 -11.17 -41.45
N LEU A 292 -20.65 -10.42 -41.26
CA LEU A 292 -20.56 -8.94 -41.14
C LEU A 292 -19.60 -8.52 -40.02
N GLN A 293 -19.40 -9.41 -39.03
CA GLN A 293 -18.68 -9.08 -37.80
C GLN A 293 -17.19 -9.45 -37.85
N ASN A 294 -16.76 -10.14 -38.91
CA ASN A 294 -15.37 -10.59 -39.08
C ASN A 294 -14.58 -9.61 -39.95
N LEU A 295 -13.27 -9.50 -39.70
CA LEU A 295 -12.43 -8.51 -40.41
C LEU A 295 -12.05 -8.97 -41.80
N ASP A 296 -11.79 -10.27 -41.97
CA ASP A 296 -11.36 -10.80 -43.25
C ASP A 296 -12.57 -11.08 -44.17
N ASP A 297 -13.72 -11.41 -43.58
CA ASP A 297 -14.99 -11.53 -44.30
C ASP A 297 -15.52 -10.18 -44.84
N PHE A 298 -15.18 -9.12 -44.14
CA PHE A 298 -15.37 -7.76 -44.66
C PHE A 298 -14.46 -7.47 -45.85
N HIS A 299 -13.16 -7.66 -45.65
CA HIS A 299 -12.20 -7.55 -46.75
C HIS A 299 -12.61 -8.39 -47.95
N ARG A 300 -13.23 -9.55 -47.70
CA ARG A 300 -13.76 -10.39 -48.78
C ARG A 300 -14.84 -9.64 -49.55
N LEU A 301 -15.75 -9.00 -48.81
CA LEU A 301 -16.88 -8.32 -49.40
C LEU A 301 -16.40 -7.18 -50.26
N VAL A 302 -15.60 -6.30 -49.69
CA VAL A 302 -15.00 -5.19 -50.45
C VAL A 302 -14.26 -5.73 -51.68
N LYS A 303 -13.53 -6.84 -51.52
CA LYS A 303 -12.80 -7.37 -52.67
C LYS A 303 -13.79 -7.82 -53.75
N LEU A 304 -14.89 -8.43 -53.32
CA LEU A 304 -15.89 -8.94 -54.26
C LEU A 304 -16.77 -7.81 -54.83
N ALA A 305 -16.78 -6.66 -54.15
CA ALA A 305 -17.55 -5.50 -54.60
C ALA A 305 -17.01 -4.86 -55.87
N ALA A 306 -15.68 -4.82 -56.02
CA ALA A 306 -15.08 -4.23 -57.24
C ALA A 306 -15.22 -5.10 -58.52
N LYS A 307 -15.74 -6.33 -58.38
CA LYS A 307 -16.08 -7.18 -59.52
C LYS A 307 -17.57 -7.43 -59.70
N ASP A 308 -18.36 -7.32 -58.62
CA ASP A 308 -19.79 -7.65 -58.69
C ASP A 308 -20.66 -6.48 -58.18
N LYS A 309 -21.65 -6.11 -58.99
CA LYS A 309 -22.58 -5.04 -58.66
C LYS A 309 -23.39 -5.38 -57.41
N GLU A 310 -23.94 -6.60 -57.35
CA GLU A 310 -24.82 -6.99 -56.24
C GLU A 310 -24.16 -6.80 -54.88
N ALA A 311 -22.94 -7.33 -54.72
CA ALA A 311 -22.12 -7.06 -53.54
C ALA A 311 -21.91 -5.57 -53.31
N ARG A 312 -21.59 -4.87 -54.39
CA ARG A 312 -21.32 -3.43 -54.34
C ARG A 312 -22.50 -2.59 -53.84
N GLU A 313 -23.71 -3.06 -54.14
CA GLU A 313 -24.91 -2.47 -53.54
C GLU A 313 -25.03 -2.84 -52.06
N ALA A 314 -24.68 -4.07 -51.73
CA ALA A 314 -24.65 -4.53 -50.34
C ALA A 314 -23.62 -3.78 -49.50
N LEU A 315 -22.42 -3.58 -50.05
CA LEU A 315 -21.40 -2.79 -49.37
C LEU A 315 -21.86 -1.35 -49.12
N LEU A 316 -22.45 -0.75 -50.14
CA LEU A 316 -22.82 0.66 -50.06
C LEU A 316 -24.06 0.87 -49.17
N ALA A 317 -24.89 -0.16 -49.07
CA ALA A 317 -26.00 -0.21 -48.12
C ALA A 317 -25.48 -0.25 -46.70
N TRP A 318 -24.49 -1.10 -46.47
CA TRP A 318 -23.85 -1.22 -45.16
C TRP A 318 -23.37 0.21 -44.79
N HIS A 319 -22.58 0.80 -45.69
CA HIS A 319 -21.96 2.09 -45.37
C HIS A 319 -23.00 3.16 -45.05
N GLU A 320 -24.13 3.11 -45.75
CA GLU A 320 -25.18 4.10 -45.54
C GLU A 320 -25.94 3.85 -44.25
N SER A 321 -26.28 2.58 -43.97
CA SER A 321 -26.95 2.25 -42.71
C SER A 321 -26.20 2.80 -41.49
N LEU A 322 -24.87 2.86 -41.56
CA LEU A 322 -24.12 3.47 -40.47
C LEU A 322 -24.29 4.95 -40.51
N ASN A 323 -24.24 5.55 -41.69
CA ASN A 323 -24.21 7.00 -41.80
C ASN A 323 -25.54 7.58 -41.27
N ILE A 324 -26.61 6.83 -41.49
CA ILE A 324 -27.91 7.12 -40.89
C ILE A 324 -27.79 7.16 -39.37
N ALA A 325 -27.28 6.05 -38.81
CA ALA A 325 -27.33 5.84 -37.35
C ALA A 325 -26.35 6.78 -36.67
N VAL A 326 -25.19 6.95 -37.27
CA VAL A 326 -24.20 7.87 -36.76
C VAL A 326 -24.66 9.30 -36.80
N ASN A 327 -25.52 9.67 -37.75
CA ASN A 327 -25.92 11.08 -37.86
C ASN A 327 -27.40 11.35 -37.57
N SER A 328 -28.04 10.37 -36.92
CA SER A 328 -29.49 10.37 -36.69
C SER A 328 -29.98 11.68 -36.11
N GLN A 329 -31.13 12.13 -36.62
CA GLN A 329 -31.82 13.33 -36.13
C GLN A 329 -32.06 13.22 -34.62
N SER A 330 -32.44 12.02 -34.16
CA SER A 330 -32.76 11.78 -32.73
C SER A 330 -31.69 12.30 -31.78
N LYS A 331 -30.44 12.29 -32.27
CA LYS A 331 -29.29 12.87 -31.57
C LYS A 331 -29.39 14.39 -31.45
N ILE A 332 -29.84 15.04 -32.51
CA ILE A 332 -30.19 16.46 -32.46
C ILE A 332 -31.37 16.72 -31.52
N GLU A 333 -32.29 15.75 -31.43
CA GLU A 333 -33.47 15.87 -30.56
C GLU A 333 -33.13 15.70 -29.07
N LYS A 334 -32.13 14.86 -28.75
CA LYS A 334 -31.65 14.77 -27.37
C LYS A 334 -30.78 15.98 -27.06
N LEU A 335 -29.91 16.40 -27.98
CA LEU A 335 -29.05 17.58 -27.75
C LEU A 335 -29.86 18.81 -27.33
N ARG A 336 -31.13 18.88 -27.75
CA ARG A 336 -32.02 19.95 -27.26
C ARG A 336 -32.25 19.82 -25.76
N GLU A 337 -32.59 18.62 -25.30
CA GLU A 337 -32.79 18.36 -23.85
C GLU A 337 -31.51 18.71 -23.04
N ILE A 338 -30.37 18.25 -23.54
CA ILE A 338 -29.08 18.48 -22.89
C ILE A 338 -28.74 19.97 -22.93
N LEU A 339 -28.93 20.64 -24.06
CA LEU A 339 -28.46 22.01 -24.22
C LEU A 339 -29.11 22.98 -23.21
N GLN A 340 -30.33 22.66 -22.74
CA GLN A 340 -30.99 23.40 -21.62
C GLN A 340 -30.43 23.05 -20.23
N GLU A 341 -30.24 21.76 -19.94
CA GLU A 341 -29.76 21.33 -18.61
C GLU A 341 -28.38 21.91 -18.23
N TYR A 342 -27.50 22.01 -19.22
CA TYR A 342 -26.14 22.53 -19.01
C TYR A 342 -26.03 23.99 -19.47
N LYS A 343 -27.16 24.52 -19.93
CA LYS A 343 -27.42 25.96 -20.04
C LYS A 343 -26.31 26.80 -20.66
N ASN A 344 -25.80 26.35 -21.80
CA ASN A 344 -24.79 27.13 -22.52
C ASN A 344 -23.63 27.46 -21.56
N GLU A 345 -23.07 26.41 -20.96
CA GLU A 345 -21.87 26.54 -20.12
C GLU A 345 -20.60 26.13 -20.85
N LYS A 346 -20.14 26.98 -21.78
CA LYS A 346 -18.89 26.75 -22.53
C LYS A 346 -18.75 25.31 -23.08
N ILE A 347 -19.59 24.97 -24.07
CA ILE A 347 -19.69 23.59 -24.60
C ILE A 347 -19.02 23.45 -25.97
N ILE A 348 -18.53 22.26 -26.29
CA ILE A 348 -18.18 21.89 -27.67
C ILE A 348 -18.91 20.61 -28.11
N VAL A 349 -19.60 20.69 -29.26
CA VAL A 349 -20.28 19.53 -29.88
C VAL A 349 -19.48 19.05 -31.11
N PHE A 350 -19.24 17.74 -31.17
CA PHE A 350 -18.40 17.14 -32.22
C PHE A 350 -19.21 16.18 -33.07
N THR A 351 -18.83 16.09 -34.34
CA THR A 351 -19.24 14.98 -35.22
C THR A 351 -18.28 14.92 -36.39
N ARG A 352 -17.96 13.73 -36.88
CA ARG A 352 -16.98 13.58 -37.96
C ARG A 352 -17.64 13.90 -39.30
N ASP A 353 -18.98 13.85 -39.34
CA ASP A 353 -19.75 14.21 -40.52
C ASP A 353 -20.02 15.72 -40.67
N THR A 354 -19.64 16.27 -41.82
CA THR A 354 -19.67 17.71 -42.07
C THR A 354 -21.10 18.26 -42.04
N GLN A 355 -22.02 17.53 -42.66
CA GLN A 355 -23.44 17.89 -42.73
C GLN A 355 -24.10 18.02 -41.35
N MET A 356 -23.77 17.08 -40.47
CA MET A 356 -24.39 16.97 -39.15
C MET A 356 -24.03 18.15 -38.30
N ALA A 357 -22.87 18.76 -38.55
CA ALA A 357 -22.53 20.07 -38.01
C ALA A 357 -23.61 21.12 -38.33
N TYR A 358 -24.00 21.15 -39.60
CA TYR A 358 -24.86 22.21 -40.13
C TYR A 358 -26.29 22.15 -39.64
N ARG A 359 -26.79 20.93 -39.46
CA ARG A 359 -28.19 20.71 -39.05
C ARG A 359 -28.40 21.08 -37.56
N ILE A 360 -27.42 20.69 -36.73
CA ILE A 360 -27.35 21.12 -35.31
C ILE A 360 -27.17 22.64 -35.21
N SER A 361 -26.28 23.16 -36.06
CA SER A 361 -26.06 24.58 -36.23
C SER A 361 -27.35 25.35 -36.51
N LYS A 362 -28.17 24.82 -37.43
CA LYS A 362 -29.41 25.47 -37.80
C LYS A 362 -30.52 25.28 -36.75
N THR A 363 -30.58 24.08 -36.13
CA THR A 363 -31.69 23.74 -35.22
C THR A 363 -31.68 24.60 -33.93
N PHE A 364 -30.48 24.90 -33.45
CA PHE A 364 -30.28 25.54 -32.15
C PHE A 364 -29.76 26.98 -32.26
N LEU A 365 -29.57 27.47 -33.49
CA LEU A 365 -28.93 28.77 -33.75
C LEU A 365 -27.49 28.90 -33.21
N ILE A 366 -26.77 27.78 -33.18
CA ILE A 366 -25.36 27.76 -32.78
C ILE A 366 -24.45 27.99 -34.00
N PRO A 367 -23.29 28.65 -33.78
CA PRO A 367 -22.30 28.84 -34.85
C PRO A 367 -21.52 27.56 -35.14
N VAL A 368 -20.86 27.50 -36.31
CA VAL A 368 -20.19 26.28 -36.80
C VAL A 368 -18.69 26.47 -37.00
N VAL A 369 -17.93 25.50 -36.52
CA VAL A 369 -16.49 25.45 -36.70
C VAL A 369 -16.21 24.19 -37.52
N THR A 370 -16.08 24.37 -38.84
CA THR A 370 -15.82 23.23 -39.75
C THR A 370 -14.41 23.33 -40.34
N TYR A 371 -13.98 22.27 -41.01
CA TYR A 371 -12.65 22.28 -41.64
C TYR A 371 -12.57 23.31 -42.77
N LYS A 372 -13.65 23.47 -43.53
CA LYS A 372 -13.69 24.46 -44.60
C LYS A 372 -14.17 25.80 -44.06
N THR A 373 -13.39 26.40 -43.16
CA THR A 373 -13.69 27.74 -42.64
C THR A 373 -12.40 28.55 -42.69
N ASP A 374 -12.49 29.84 -43.01
CA ASP A 374 -11.31 30.72 -42.98
C ASP A 374 -10.71 30.70 -41.57
N LYS A 375 -9.39 30.76 -41.47
CA LYS A 375 -8.74 30.66 -40.15
C LYS A 375 -9.02 31.92 -39.34
N ASP A 376 -9.07 33.06 -40.03
CA ASP A 376 -9.50 34.32 -39.43
C ASP A 376 -10.96 34.27 -38.96
N GLU A 377 -11.78 33.48 -39.65
CA GLU A 377 -13.15 33.16 -39.20
C GLU A 377 -13.15 32.11 -38.07
N ARG A 378 -12.28 31.10 -38.18
CA ARG A 378 -12.14 30.05 -37.15
C ARG A 378 -11.54 30.61 -35.86
N GLU A 379 -10.59 31.53 -36.00
CA GLU A 379 -9.99 32.22 -34.86
C GLU A 379 -10.99 33.16 -34.20
N GLU A 380 -11.76 33.90 -35.00
CA GLU A 380 -12.72 34.89 -34.48
C GLU A 380 -13.91 34.25 -33.75
N ILE A 381 -14.40 33.12 -34.27
CA ILE A 381 -15.46 32.34 -33.61
C ILE A 381 -15.00 31.67 -32.32
N LEU A 382 -13.75 31.16 -32.30
CA LEU A 382 -13.15 30.57 -31.10
C LEU A 382 -12.82 31.64 -30.03
N GLN A 383 -12.37 32.82 -30.45
CA GLN A 383 -12.12 33.96 -29.54
C GLN A 383 -13.43 34.55 -28.98
N LYS A 384 -14.52 34.35 -29.71
CA LYS A 384 -15.87 34.68 -29.26
C LYS A 384 -16.41 33.61 -28.30
N PHE A 385 -16.02 32.37 -28.52
CA PHE A 385 -16.07 31.34 -27.47
C PHE A 385 -15.23 31.82 -26.28
N ARG A 386 -13.96 32.17 -26.52
CA ARG A 386 -13.02 32.58 -25.43
C ARG A 386 -13.54 33.75 -24.57
N ASP A 387 -14.28 34.66 -25.20
CA ASP A 387 -14.83 35.82 -24.51
C ASP A 387 -15.99 35.45 -23.59
N GLY A 388 -16.71 34.36 -23.91
CA GLY A 388 -17.95 34.01 -23.23
C GLY A 388 -19.22 34.42 -23.95
N GLU A 389 -19.09 34.91 -25.20
CA GLU A 389 -20.26 35.35 -25.98
C GLU A 389 -21.12 34.16 -26.39
N TYR A 390 -20.45 33.14 -26.92
CA TYR A 390 -21.11 31.91 -27.30
C TYR A 390 -20.95 30.92 -26.20
N ARG A 391 -22.06 30.39 -25.74
CA ARG A 391 -22.04 29.32 -24.76
C ARG A 391 -22.25 27.92 -25.37
N VAL A 392 -22.39 27.81 -26.69
CA VAL A 392 -22.28 26.52 -27.40
C VAL A 392 -21.61 26.80 -28.76
N ILE A 393 -20.87 25.81 -29.28
CA ILE A 393 -20.24 25.88 -30.62
C ILE A 393 -20.02 24.43 -31.11
N VAL A 394 -20.03 24.26 -32.44
CA VAL A 394 -19.90 22.93 -33.05
C VAL A 394 -18.78 22.90 -34.06
N ALA A 395 -17.96 21.85 -33.99
CA ALA A 395 -17.02 21.53 -35.05
C ALA A 395 -16.97 20.05 -35.34
N SER A 396 -17.14 19.73 -36.62
CA SER A 396 -17.13 18.36 -37.10
C SER A 396 -15.69 17.91 -37.18
N THR A 397 -14.90 18.72 -37.87
CA THR A 397 -13.46 18.55 -37.90
C THR A 397 -12.91 18.95 -36.54
N VAL A 398 -11.66 18.56 -36.28
CA VAL A 398 -10.98 18.95 -35.05
C VAL A 398 -9.60 19.51 -35.40
N PHE A 399 -9.12 20.39 -34.53
CA PHE A 399 -7.79 20.94 -34.65
C PHE A 399 -6.83 19.77 -34.50
N ASP A 400 -6.05 19.49 -35.55
CA ASP A 400 -4.94 18.52 -35.48
C ASP A 400 -3.65 19.22 -35.86
N GLU A 401 -2.58 18.92 -35.13
CA GLU A 401 -1.30 19.66 -35.26
C GLU A 401 -1.51 21.19 -35.12
N GLY A 402 -2.37 21.57 -34.18
CA GLY A 402 -2.89 22.93 -34.10
C GLY A 402 -2.70 23.65 -32.77
N VAL A 403 -2.00 24.78 -32.82
CA VAL A 403 -1.53 25.48 -31.62
C VAL A 403 -2.69 25.97 -30.75
N ASP A 404 -3.65 26.64 -31.36
CA ASP A 404 -4.79 27.22 -30.63
C ASP A 404 -5.82 26.16 -30.24
N VAL A 405 -5.46 25.27 -29.33
CA VAL A 405 -6.40 24.30 -28.77
C VAL A 405 -7.49 25.05 -27.97
N PRO A 406 -8.76 24.91 -28.36
CA PRO A 406 -9.85 25.51 -27.57
C PRO A 406 -9.97 24.79 -26.22
N ASP A 407 -10.43 25.50 -25.20
CA ASP A 407 -10.64 24.90 -23.86
C ASP A 407 -12.02 25.24 -23.31
N ALA A 408 -12.70 24.24 -22.76
CA ALA A 408 -14.09 24.44 -22.32
C ALA A 408 -14.64 23.36 -21.38
N THR A 409 -15.70 23.73 -20.67
CA THR A 409 -16.31 22.87 -19.64
C THR A 409 -16.91 21.55 -20.13
N LEU A 410 -17.64 21.56 -21.26
CA LEU A 410 -18.37 20.37 -21.69
C LEU A 410 -18.09 20.05 -23.15
N ALA A 411 -18.02 18.75 -23.45
CA ALA A 411 -17.88 18.26 -24.81
C ALA A 411 -18.92 17.20 -25.14
N ILE A 412 -19.55 17.35 -26.30
CA ILE A 412 -20.55 16.39 -26.79
C ILE A 412 -20.03 15.82 -28.11
N VAL A 413 -20.13 14.50 -28.27
CA VAL A 413 -19.75 13.85 -29.53
C VAL A 413 -20.94 13.01 -30.05
N MET A 414 -21.19 13.11 -31.35
CA MET A 414 -22.47 12.72 -31.94
C MET A 414 -22.41 11.34 -32.58
N GLY A 415 -21.25 10.68 -32.54
CA GLY A 415 -21.17 9.26 -32.87
C GLY A 415 -20.49 8.40 -31.82
N GLY A 416 -20.62 7.08 -31.97
CA GLY A 416 -19.89 6.11 -31.14
C GLY A 416 -18.37 6.11 -31.28
N TYR A 417 -17.86 6.76 -32.33
CA TYR A 417 -16.43 6.97 -32.56
C TYR A 417 -15.78 7.98 -31.59
N GLY A 418 -16.60 8.54 -30.70
CA GLY A 418 -16.09 9.37 -29.58
C GLY A 418 -15.25 8.71 -28.51
N THR A 419 -15.34 7.38 -28.37
CA THR A 419 -14.52 6.61 -27.46
C THR A 419 -13.16 6.23 -28.04
N LYS A 420 -12.88 6.57 -29.31
CA LYS A 420 -11.53 6.39 -29.88
C LYS A 420 -10.42 7.16 -29.11
N ARG A 421 -9.32 6.44 -28.84
CA ARG A 421 -8.28 6.92 -27.90
C ARG A 421 -7.47 8.10 -28.42
N GLN A 422 -7.19 8.12 -29.72
CA GLN A 422 -6.48 9.24 -30.35
C GLN A 422 -7.28 10.54 -30.23
N PHE A 423 -8.60 10.42 -30.34
CA PHE A 423 -9.50 11.58 -30.14
C PHE A 423 -9.58 12.00 -28.67
N LEU A 424 -9.75 11.03 -27.76
CA LEU A 424 -9.91 11.33 -26.34
C LEU A 424 -8.78 12.16 -25.74
N GLN A 425 -7.53 11.82 -26.06
CA GLN A 425 -6.38 12.61 -25.59
C GLN A 425 -6.34 14.02 -26.16
N ARG A 426 -6.84 14.19 -27.39
CA ARG A 426 -7.00 15.55 -27.97
C ARG A 426 -8.06 16.33 -27.21
N LEU A 427 -9.13 15.64 -26.81
CA LEU A 427 -10.19 16.26 -26.00
C LEU A 427 -9.69 16.58 -24.60
N GLY A 428 -8.77 15.76 -24.08
CA GLY A 428 -8.27 15.92 -22.71
C GLY A 428 -7.61 17.25 -22.43
N ARG A 429 -6.72 17.70 -23.33
CA ARG A 429 -5.99 18.94 -23.15
C ARG A 429 -6.93 20.12 -23.40
N ILE A 430 -7.89 19.87 -24.29
CA ILE A 430 -8.87 20.88 -24.67
C ILE A 430 -10.09 20.95 -23.76
N LEU A 431 -10.53 19.82 -23.20
CA LEU A 431 -11.81 19.81 -22.49
C LEU A 431 -11.73 20.68 -21.25
N ARG A 432 -10.73 20.51 -20.40
CA ARG A 432 -10.68 21.28 -19.14
C ARG A 432 -9.41 22.10 -18.93
N LYS A 433 -9.60 23.36 -18.51
CA LYS A 433 -8.54 24.12 -17.84
C LYS A 433 -8.40 23.61 -16.41
N LYS A 434 -9.53 23.32 -15.77
CA LYS A 434 -9.57 22.54 -14.53
C LYS A 434 -10.67 21.48 -14.66
N ASP A 435 -10.30 20.29 -15.13
CA ASP A 435 -11.25 19.21 -15.39
C ASP A 435 -11.79 18.58 -14.11
N LYS A 436 -12.69 19.30 -13.45
CA LYS A 436 -13.16 18.92 -12.12
C LYS A 436 -14.23 17.83 -12.24
N GLU A 437 -13.81 16.68 -12.76
CA GLU A 437 -14.72 15.71 -13.36
C GLU A 437 -15.68 16.45 -14.32
N ALA A 438 -15.10 17.36 -15.10
CA ALA A 438 -15.78 18.04 -16.20
C ALA A 438 -16.25 17.01 -17.24
N LEU A 439 -17.50 17.11 -17.69
CA LEU A 439 -18.13 16.00 -18.44
C LEU A 439 -17.80 16.03 -19.94
N LEU A 440 -17.73 14.83 -20.50
CA LEU A 440 -17.76 14.59 -21.93
C LEU A 440 -18.91 13.60 -22.11
N ILE A 441 -19.99 14.02 -22.76
CA ILE A 441 -21.06 13.10 -23.18
C ILE A 441 -20.90 12.75 -24.66
N GLU A 442 -21.42 11.58 -25.03
CA GLU A 442 -21.50 11.19 -26.42
C GLU A 442 -22.87 10.58 -26.64
N ILE A 443 -23.52 10.95 -27.74
CA ILE A 443 -24.81 10.37 -28.05
C ILE A 443 -24.59 9.27 -29.07
N VAL A 444 -25.42 8.24 -28.96
CA VAL A 444 -25.28 7.00 -29.69
C VAL A 444 -26.64 6.38 -30.01
N THR A 445 -26.85 6.04 -31.26
CA THR A 445 -28.11 5.44 -31.63
C THR A 445 -28.20 3.99 -31.10
N LYS A 446 -29.14 3.76 -30.18
CA LYS A 446 -29.52 2.39 -29.77
C LYS A 446 -29.81 1.47 -30.96
N GLY A 447 -29.54 0.17 -30.80
CA GLY A 447 -30.09 -0.86 -31.72
C GLY A 447 -29.46 -0.95 -33.11
N THR A 448 -28.32 -0.29 -33.29
CA THR A 448 -27.79 -0.01 -34.62
C THR A 448 -26.28 -0.22 -34.65
N ALA A 449 -25.72 -0.14 -35.85
CA ALA A 449 -24.28 -0.07 -36.03
C ALA A 449 -23.58 1.07 -35.29
N ASP A 450 -24.33 2.04 -34.78
CA ASP A 450 -23.70 3.13 -34.03
C ASP A 450 -23.44 2.69 -32.60
N TYR A 451 -24.39 1.91 -32.09
CA TYR A 451 -24.27 1.22 -30.80
C TYR A 451 -23.00 0.41 -30.78
N ARG A 452 -22.91 -0.53 -31.72
CA ARG A 452 -21.79 -1.48 -31.80
C ARG A 452 -20.43 -0.80 -31.98
N LEU A 453 -20.34 0.25 -32.80
CA LEU A 453 -19.11 1.06 -32.91
C LEU A 453 -18.68 1.64 -31.56
N SER A 454 -19.66 2.06 -30.75
CA SER A 454 -19.39 2.64 -29.43
C SER A 454 -18.85 1.61 -28.45
N ARG A 455 -19.16 0.35 -28.71
CA ARG A 455 -18.58 -0.78 -28.01
C ARG A 455 -17.67 -1.61 -28.93
N ARG A 456 -17.02 -0.95 -29.90
CA ARG A 456 -16.14 -1.64 -30.84
C ARG A 456 -14.80 -1.78 -30.15
N ARG A 457 -14.28 -3.01 -30.08
CA ARG A 457 -13.16 -3.31 -29.19
C ARG A 457 -11.86 -2.62 -29.63
N ARG A 458 -11.75 -2.33 -30.93
CA ARG A 458 -10.52 -1.77 -31.52
C ARG A 458 -9.70 -0.83 -30.61
N GLU A 459 -10.36 0.13 -29.96
CA GLU A 459 -9.68 1.21 -29.18
C GLU A 459 -8.84 2.14 -30.07
N GLY B 18 35.14 -7.11 50.73
CA GLY B 18 35.78 -6.04 51.54
C GLY B 18 35.11 -5.88 52.90
N SER B 19 35.77 -6.39 53.95
CA SER B 19 35.21 -6.39 55.31
C SER B 19 33.84 -7.11 55.38
N HIS B 20 33.80 -8.34 54.84
CA HIS B 20 32.63 -9.23 54.88
C HIS B 20 31.40 -8.72 54.12
N MET B 21 31.63 -7.88 53.10
CA MET B 21 30.53 -7.28 52.31
C MET B 21 30.67 -7.49 50.79
N VAL B 22 29.60 -8.01 50.18
CA VAL B 22 29.63 -8.37 48.75
C VAL B 22 29.52 -7.14 47.83
N TYR B 23 30.39 -7.11 46.83
CA TYR B 23 30.31 -6.16 45.73
C TYR B 23 29.58 -6.74 44.50
N LEU B 24 28.55 -6.04 44.04
CA LEU B 24 27.71 -6.53 42.93
C LEU B 24 27.65 -5.49 41.81
N ARG B 25 28.14 -5.84 40.64
CA ARG B 25 28.36 -4.88 39.57
C ARG B 25 27.83 -5.35 38.21
N TYR B 26 27.33 -4.41 37.41
CA TYR B 26 27.05 -4.68 36.02
C TYR B 26 28.29 -4.38 35.14
N PHE B 27 28.57 -5.26 34.19
CA PHE B 27 29.66 -5.00 33.23
C PHE B 27 29.39 -5.54 31.85
N LYS B 28 29.08 -4.63 30.93
CA LYS B 28 28.87 -4.99 29.53
C LYS B 28 27.99 -6.20 29.38
N GLY B 29 26.85 -6.20 30.08
CA GLY B 29 25.82 -7.21 29.88
C GLY B 29 25.93 -8.36 30.84
N LEU B 30 26.82 -8.22 31.82
CA LEU B 30 27.08 -9.27 32.79
C LEU B 30 26.78 -8.76 34.17
N ILE B 31 26.54 -9.72 35.07
CA ILE B 31 26.51 -9.47 36.50
C ILE B 31 27.82 -10.01 37.14
N LEU B 32 28.49 -9.18 37.94
CA LEU B 32 29.78 -9.52 38.56
C LEU B 32 29.72 -9.37 40.08
N SER B 33 30.10 -10.44 40.78
CA SER B 33 29.95 -10.55 42.23
C SER B 33 31.26 -11.00 42.87
N ASP B 34 31.53 -10.50 44.10
CA ASP B 34 32.64 -11.02 44.93
C ASP B 34 32.45 -12.48 45.32
N ALA B 35 31.22 -12.84 45.64
CA ALA B 35 30.93 -14.11 46.26
C ALA B 35 29.99 -14.91 45.44
N TYR B 36 30.18 -16.23 45.46
CA TYR B 36 29.28 -17.13 44.76
C TYR B 36 27.82 -16.83 45.08
N ALA B 37 26.97 -17.05 44.09
CA ALA B 37 25.54 -17.14 44.30
C ALA B 37 25.02 -18.12 43.25
N PRO B 38 23.94 -18.85 43.56
CA PRO B 38 23.49 -19.85 42.61
C PRO B 38 23.27 -19.30 41.21
N GLY B 39 23.74 -20.04 40.21
CA GLY B 39 23.64 -19.60 38.83
C GLY B 39 24.85 -18.79 38.38
N LEU B 40 25.69 -18.38 39.31
CA LEU B 40 26.98 -17.81 38.94
C LEU B 40 28.01 -18.87 38.64
N LYS B 41 29.10 -18.42 38.03
CA LYS B 41 30.27 -19.22 37.70
C LYS B 41 31.46 -18.31 37.76
N TRP B 42 32.62 -18.86 38.10
CA TRP B 42 33.80 -18.05 38.38
C TRP B 42 34.64 -17.94 37.12
N SER B 43 35.10 -16.74 36.81
CA SER B 43 35.89 -16.56 35.60
C SER B 43 37.27 -16.04 35.94
N ASP B 44 38.29 -16.85 35.63
CA ASP B 44 39.67 -16.50 35.95
C ASP B 44 40.01 -15.16 35.28
N GLU B 45 39.31 -14.83 34.21
CA GLU B 45 39.67 -13.66 33.41
C GLU B 45 39.23 -12.42 34.18
N LEU B 46 38.01 -12.45 34.69
CA LEU B 46 37.48 -11.30 35.41
C LEU B 46 37.86 -11.22 36.88
N LYS B 47 38.31 -12.35 37.45
CA LYS B 47 38.54 -12.43 38.89
C LYS B 47 37.28 -12.03 39.63
N ALA B 48 36.20 -12.71 39.28
CA ALA B 48 34.91 -12.56 39.94
C ALA B 48 33.98 -13.68 39.48
N TYR B 49 32.88 -13.84 40.19
CA TYR B 49 31.83 -14.74 39.77
C TYR B 49 30.94 -13.93 38.84
N SER B 50 30.44 -14.56 37.79
CA SER B 50 29.73 -13.83 36.76
C SER B 50 28.65 -14.67 36.12
N ALA B 51 27.72 -13.95 35.50
CA ALA B 51 26.69 -14.55 34.69
C ALA B 51 26.08 -13.47 33.84
N LEU B 52 25.30 -13.88 32.86
CA LEU B 52 24.50 -12.92 32.15
C LEU B 52 23.67 -12.12 33.15
N ALA B 53 23.52 -10.83 32.89
CA ALA B 53 22.97 -9.91 33.89
C ALA B 53 21.48 -10.08 34.18
N PHE B 54 20.76 -10.91 33.42
CA PHE B 54 19.39 -11.31 33.79
C PHE B 54 19.37 -11.83 35.21
N LYS B 55 20.40 -12.57 35.57
CA LYS B 55 20.49 -13.17 36.90
C LYS B 55 20.54 -12.18 38.07
N TYR B 56 20.70 -10.91 37.79
CA TYR B 56 20.79 -9.91 38.84
C TYR B 56 19.71 -10.00 39.91
N ARG B 57 18.44 -10.13 39.53
CA ARG B 57 17.35 -10.18 40.51
C ARG B 57 17.55 -11.34 41.49
N ASP B 58 17.65 -12.56 40.95
CA ASP B 58 17.81 -13.77 41.80
C ASP B 58 19.10 -13.76 42.66
N VAL B 59 20.18 -13.20 42.15
CA VAL B 59 21.44 -13.12 42.90
C VAL B 59 21.36 -12.13 44.04
N ARG B 60 20.63 -11.04 43.82
CA ARG B 60 20.42 -10.03 44.83
C ARG B 60 19.53 -10.59 45.93
N LYS B 61 18.40 -11.16 45.51
CA LYS B 61 17.40 -11.70 46.42
C LYS B 61 18.02 -12.71 47.34
N TYR B 62 18.72 -13.68 46.75
CA TYR B 62 19.44 -14.73 47.50
C TYR B 62 20.38 -14.17 48.60
N PHE B 63 21.20 -13.17 48.27
CA PHE B 63 22.09 -12.56 49.26
C PHE B 63 21.30 -11.85 50.36
N LEU B 64 20.14 -11.31 50.02
CA LEU B 64 19.22 -10.71 50.99
C LEU B 64 18.61 -11.78 51.90
N GLU B 65 18.05 -12.83 51.31
CA GLU B 65 17.52 -14.00 52.06
C GLU B 65 18.57 -14.72 52.92
N LYS B 66 19.80 -14.78 52.45
CA LYS B 66 20.92 -15.29 53.25
C LYS B 66 21.49 -14.18 54.14
N GLU B 67 20.78 -13.06 54.24
CA GLU B 67 21.14 -11.95 55.13
C GLU B 67 22.57 -11.41 54.99
N ILE B 68 23.11 -11.52 53.79
CA ILE B 68 24.44 -10.99 53.49
C ILE B 68 24.28 -9.63 52.85
N GLU B 69 25.03 -8.66 53.36
CA GLU B 69 24.90 -7.26 52.95
C GLU B 69 25.71 -6.98 51.70
N VAL B 70 25.09 -6.23 50.77
CA VAL B 70 25.57 -6.06 49.38
C VAL B 70 25.77 -4.60 49.03
N GLU B 71 26.96 -4.26 48.51
CA GLU B 71 27.16 -2.95 47.89
C GLU B 71 26.91 -3.12 46.40
N GLU B 72 25.98 -2.32 45.88
CA GLU B 72 25.41 -2.55 44.57
C GLU B 72 25.66 -1.35 43.64
N ASN B 73 26.28 -1.65 42.51
CA ASN B 73 26.53 -0.67 41.45
C ASN B 73 25.99 -1.27 40.13
N VAL B 74 24.76 -1.77 40.17
CA VAL B 74 24.20 -2.50 39.04
C VAL B 74 23.35 -1.61 38.14
N ILE B 75 22.33 -0.97 38.68
CA ILE B 75 21.43 -0.21 37.83
C ILE B 75 21.79 1.28 37.79
N ASP B 76 21.87 1.84 36.59
CA ASP B 76 22.11 3.27 36.41
C ASP B 76 20.91 3.78 35.64
N SER B 77 19.83 3.98 36.37
CA SER B 77 18.56 4.25 35.75
C SER B 77 18.50 5.64 35.19
N LEU B 78 17.93 5.74 34.01
CA LEU B 78 17.48 7.02 33.53
C LEU B 78 16.37 7.48 34.43
N PRO B 79 16.11 8.78 34.44
CA PRO B 79 15.07 9.30 35.28
C PRO B 79 13.69 9.20 34.64
N PHE B 80 12.71 8.84 35.45
CA PHE B 80 11.32 8.67 35.00
C PHE B 80 10.69 10.05 34.89
N PRO B 81 9.96 10.32 33.79
CA PRO B 81 9.39 11.64 33.54
C PRO B 81 8.14 11.92 34.32
N LEU B 82 7.67 13.16 34.29
CA LEU B 82 6.36 13.47 34.83
C LEU B 82 5.39 12.95 33.81
N ILE B 83 4.32 12.31 34.28
CA ILE B 83 3.27 11.74 33.43
C ILE B 83 1.87 12.13 33.91
N LYS B 84 0.90 11.98 33.03
CA LYS B 84 -0.49 12.12 33.42
C LYS B 84 -1.25 10.91 32.95
N ASP B 85 -1.41 9.94 33.85
CA ASP B 85 -2.18 8.73 33.57
C ASP B 85 -3.66 9.02 33.17
N LYS B 86 -4.04 8.67 31.95
CA LYS B 86 -5.41 8.83 31.49
C LYS B 86 -6.03 7.46 31.15
N ILE B 87 -5.71 6.46 31.93
CA ILE B 87 -6.02 5.11 31.57
C ILE B 87 -7.11 4.67 32.51
N GLU B 88 -8.29 4.42 31.97
CA GLU B 88 -9.33 3.73 32.72
C GLU B 88 -9.43 2.30 32.21
N LEU B 89 -9.00 1.36 33.04
CA LEU B 89 -8.95 -0.05 32.66
C LEU B 89 -10.29 -0.75 32.83
N ARG B 90 -10.57 -1.70 31.94
CA ARG B 90 -11.65 -2.66 32.13
C ARG B 90 -11.36 -3.63 33.28
N ASP B 91 -12.39 -4.39 33.66
CA ASP B 91 -12.29 -5.36 34.78
C ASP B 91 -11.16 -6.38 34.59
N TYR B 92 -11.10 -7.02 33.41
CA TYR B 92 -10.06 -8.01 33.12
C TYR B 92 -8.70 -7.37 32.99
N GLN B 93 -8.64 -6.24 32.28
CA GLN B 93 -7.39 -5.47 32.15
C GLN B 93 -6.76 -5.20 33.52
N ALA B 94 -7.57 -4.76 34.47
CA ALA B 94 -7.07 -4.41 35.79
C ALA B 94 -6.67 -5.65 36.59
N GLU B 95 -7.40 -6.74 36.34
CA GLU B 95 -7.06 -8.06 36.87
C GLU B 95 -5.62 -8.37 36.47
N ALA B 96 -5.36 -8.27 35.17
CA ALA B 96 -4.05 -8.57 34.60
C ALA B 96 -2.96 -7.84 35.37
N VAL B 97 -3.12 -6.52 35.43
CA VAL B 97 -2.16 -5.68 36.12
C VAL B 97 -1.84 -6.26 37.51
N LYS B 98 -2.90 -6.59 38.25
CA LYS B 98 -2.75 -7.05 39.61
C LYS B 98 -2.04 -8.40 39.62
N ALA B 99 -2.39 -9.25 38.66
CA ALA B 99 -1.72 -10.55 38.53
C ALA B 99 -0.25 -10.31 38.37
N TRP B 100 0.08 -9.43 37.44
CA TRP B 100 1.46 -9.18 37.12
C TRP B 100 2.25 -8.67 38.34
N LEU B 101 1.64 -7.79 39.12
CA LEU B 101 2.38 -7.09 40.19
C LEU B 101 2.84 -7.98 41.32
N LYS B 102 2.30 -9.20 41.40
CA LYS B 102 2.71 -10.12 42.45
C LYS B 102 4.20 -10.32 42.29
N GLU B 103 4.59 -10.85 41.14
CA GLU B 103 5.99 -11.14 40.86
C GLU B 103 6.72 -10.02 40.06
N LYS B 104 5.98 -9.26 39.25
CA LYS B 104 6.56 -8.23 38.40
C LYS B 104 7.54 -8.85 37.42
N ARG B 105 7.22 -10.03 36.93
CA ARG B 105 8.10 -10.75 36.02
C ARG B 105 7.31 -11.84 35.38
N GLY B 106 6.66 -11.51 34.27
CA GLY B 106 5.83 -12.47 33.60
C GLY B 106 5.14 -11.97 32.36
N ILE B 107 4.41 -12.87 31.72
CA ILE B 107 3.77 -12.60 30.45
C ILE B 107 2.27 -12.53 30.63
N ILE B 108 1.64 -11.60 29.94
CA ILE B 108 0.23 -11.44 29.99
C ILE B 108 -0.28 -11.74 28.59
N VAL B 109 -1.08 -12.79 28.48
CA VAL B 109 -1.68 -13.17 27.21
C VAL B 109 -3.11 -12.68 27.13
N LEU B 110 -3.46 -12.04 26.03
CA LEU B 110 -4.86 -11.62 25.75
C LEU B 110 -5.03 -11.52 24.26
N PRO B 111 -6.22 -11.82 23.75
CA PRO B 111 -6.43 -11.68 22.31
C PRO B 111 -6.12 -10.28 21.88
N THR B 112 -5.70 -10.13 20.63
CA THR B 112 -5.48 -8.81 20.05
C THR B 112 -6.80 -8.06 20.07
N GLY B 113 -6.73 -6.73 20.06
CA GLY B 113 -7.92 -5.89 20.23
C GLY B 113 -8.35 -5.63 21.68
N ALA B 114 -7.85 -6.44 22.60
CA ALA B 114 -8.31 -6.43 24.00
C ALA B 114 -7.52 -5.47 24.90
N GLY B 115 -6.62 -4.68 24.30
CA GLY B 115 -5.92 -3.58 24.97
C GLY B 115 -4.74 -3.99 25.83
N LYS B 116 -3.87 -4.86 25.30
CA LYS B 116 -2.66 -5.26 26.04
C LYS B 116 -1.79 -4.02 26.31
N THR B 117 -1.69 -3.15 25.32
CA THR B 117 -0.85 -1.97 25.42
C THR B 117 -1.25 -1.14 26.64
N GLN B 118 -2.54 -0.90 26.83
CA GLN B 118 -3.02 -0.05 27.96
C GLN B 118 -2.80 -0.71 29.31
N VAL B 119 -2.84 -2.03 29.35
CA VAL B 119 -2.43 -2.76 30.54
C VAL B 119 -0.98 -2.47 30.87
N ALA B 120 -0.14 -2.39 29.85
CA ALA B 120 1.29 -2.22 30.04
C ALA B 120 1.61 -0.80 30.47
N LEU B 121 1.03 0.17 29.76
CA LEU B 121 1.17 1.57 30.11
C LEU B 121 0.65 1.92 31.51
N LYS B 122 -0.42 1.26 31.95
CA LYS B 122 -0.83 1.32 33.34
C LYS B 122 0.24 0.86 34.33
N ILE B 123 0.83 -0.29 34.03
CA ILE B 123 1.94 -0.81 34.83
C ILE B 123 3.07 0.21 34.85
N VAL B 124 3.35 0.84 33.71
CA VAL B 124 4.39 1.88 33.65
C VAL B 124 4.01 3.03 34.57
N SER B 125 2.76 3.48 34.45
CA SER B 125 2.22 4.54 35.32
C SER B 125 2.33 4.22 36.82
N ILE B 126 2.01 2.99 37.19
CA ILE B 126 2.09 2.58 38.58
C ILE B 126 3.53 2.60 39.09
N MET B 127 4.41 1.95 38.34
CA MET B 127 5.72 1.59 38.84
C MET B 127 6.68 2.79 38.97
N LYS B 128 6.47 3.81 38.13
CA LYS B 128 7.24 5.05 38.18
C LYS B 128 8.75 4.82 38.08
N VAL B 129 9.15 3.88 37.24
CA VAL B 129 10.56 3.66 36.97
C VAL B 129 10.82 3.70 35.49
N ALA B 130 12.08 3.98 35.12
CA ALA B 130 12.45 4.07 33.71
C ALA B 130 12.14 2.79 32.98
N THR B 131 11.61 2.92 31.78
CA THR B 131 11.03 1.79 31.09
C THR B 131 11.50 1.69 29.67
N LEU B 132 11.90 0.48 29.28
CA LEU B 132 12.23 0.17 27.91
C LEU B 132 11.19 -0.79 27.32
N ILE B 133 10.49 -0.30 26.31
CA ILE B 133 9.51 -1.09 25.61
C ILE B 133 10.09 -1.51 24.26
N VAL B 134 10.29 -2.81 24.11
CA VAL B 134 10.96 -3.37 22.96
C VAL B 134 9.91 -3.92 22.01
N VAL B 135 9.89 -3.46 20.77
CA VAL B 135 8.91 -3.96 19.79
C VAL B 135 9.56 -4.48 18.49
N PRO B 136 8.97 -5.51 17.88
CA PRO B 136 9.65 -6.20 16.82
C PRO B 136 9.63 -5.47 15.50
N THR B 137 8.76 -4.49 15.37
CA THR B 137 8.51 -3.87 14.06
C THR B 137 8.45 -2.37 14.17
N ILE B 138 8.88 -1.70 13.11
CA ILE B 138 8.80 -0.26 13.05
C ILE B 138 7.36 0.22 13.05
N ASP B 139 6.46 -0.53 12.44
CA ASP B 139 5.04 -0.23 12.56
C ASP B 139 4.66 -0.07 14.02
N LEU B 140 5.10 -1.01 14.83
CA LEU B 140 4.69 -1.00 16.23
C LEU B 140 5.31 0.12 17.00
N ILE B 141 6.49 0.58 16.58
CA ILE B 141 7.08 1.78 17.15
C ILE B 141 6.07 2.92 17.12
N THR B 142 5.62 3.22 15.91
CA THR B 142 4.72 4.33 15.71
C THR B 142 3.51 4.20 16.61
N GLN B 143 2.98 3.00 16.70
CA GLN B 143 1.81 2.75 17.50
C GLN B 143 2.07 3.11 18.96
N TRP B 144 3.02 2.43 19.59
CA TRP B 144 3.36 2.73 20.98
C TRP B 144 3.64 4.24 21.17
N LYS B 145 4.36 4.87 20.23
CA LYS B 145 4.61 6.29 20.31
CA LYS B 145 4.61 6.30 20.33
C LYS B 145 3.28 7.02 20.52
N GLU B 146 2.31 6.70 19.66
CA GLU B 146 1.03 7.37 19.70
C GLU B 146 0.28 7.11 21.01
N ARG B 147 0.27 5.85 21.46
CA ARG B 147 -0.47 5.50 22.67
C ARG B 147 0.20 6.01 23.94
N ILE B 148 1.51 6.19 23.93
CA ILE B 148 2.16 6.68 25.13
C ILE B 148 1.83 8.17 25.25
N ASN B 149 1.84 8.86 24.13
CA ASN B 149 1.40 10.26 24.13
C ASN B 149 -0.05 10.40 24.57
N LYS B 150 -0.89 9.44 24.22
CA LYS B 150 -2.32 9.49 24.54
C LYS B 150 -2.60 9.17 26.00
N TYR B 151 -2.06 8.06 26.46
CA TYR B 151 -2.43 7.55 27.76
C TYR B 151 -1.52 7.97 28.90
N LEU B 152 -0.30 8.36 28.61
CA LEU B 152 0.61 8.81 29.67
C LEU B 152 1.03 10.25 29.49
N ASP B 153 0.55 10.91 28.45
CA ASP B 153 0.84 12.32 28.26
C ASP B 153 2.33 12.59 28.12
N PHE B 154 3.08 11.59 27.67
CA PHE B 154 4.53 11.70 27.52
C PHE B 154 4.97 11.27 26.13
N ASP B 155 5.91 12.00 25.56
CA ASP B 155 6.46 11.65 24.26
C ASP B 155 7.72 10.81 24.45
N PRO B 156 7.66 9.51 24.14
CA PRO B 156 8.77 8.69 24.52
C PRO B 156 9.93 8.86 23.57
N GLY B 157 11.08 8.38 24.02
CA GLY B 157 12.24 8.26 23.20
C GLY B 157 12.06 7.07 22.26
N ILE B 158 12.75 7.13 21.13
CA ILE B 158 12.59 6.15 20.06
C ILE B 158 13.97 5.75 19.60
N ILE B 159 14.24 4.47 19.63
CA ILE B 159 15.44 3.95 19.00
C ILE B 159 15.07 2.93 17.93
N GLY B 160 15.14 3.37 16.69
CA GLY B 160 14.66 2.61 15.55
C GLY B 160 13.96 3.48 14.53
N GLY B 161 13.88 2.95 13.32
CA GLY B 161 13.18 3.64 12.26
C GLY B 161 13.91 4.87 11.81
N GLY B 162 15.17 5.03 12.21
CA GLY B 162 15.94 6.19 11.84
C GLY B 162 16.07 7.20 12.96
N GLU B 163 15.39 6.95 14.07
CA GLU B 163 15.50 7.78 15.26
C GLU B 163 16.46 7.18 16.28
N ASP B 164 16.94 8.02 17.20
CA ASP B 164 17.74 7.55 18.32
C ASP B 164 17.67 8.51 19.52
N SER B 165 16.50 8.67 20.10
CA SER B 165 16.31 9.46 21.30
C SER B 165 16.24 8.51 22.47
N LEU B 166 16.98 8.79 23.54
CA LEU B 166 16.99 7.96 24.71
C LEU B 166 16.34 8.78 25.82
N LYS B 167 15.41 8.18 26.56
CA LYS B 167 14.51 8.94 27.42
C LYS B 167 14.13 8.06 28.58
N GLY B 168 13.49 8.64 29.58
CA GLY B 168 12.99 7.87 30.72
C GLY B 168 11.96 6.82 30.36
N ILE B 169 11.19 7.06 29.30
CA ILE B 169 10.42 5.99 28.66
C ILE B 169 10.82 5.95 27.22
N THR B 170 11.28 4.79 26.77
CA THR B 170 11.83 4.64 25.43
C THR B 170 11.27 3.40 24.74
N VAL B 171 10.90 3.57 23.49
CA VAL B 171 10.47 2.48 22.64
C VAL B 171 11.65 2.18 21.71
N ILE B 172 11.95 0.88 21.57
CA ILE B 172 13.08 0.40 20.79
C ILE B 172 12.68 -0.83 19.98
N THR B 173 13.30 -1.02 18.83
CA THR B 173 13.14 -2.27 18.09
C THR B 173 13.96 -3.41 18.66
N TYR B 174 13.52 -4.62 18.38
CA TYR B 174 14.24 -5.82 18.81
C TYR B 174 15.63 -5.77 18.23
N ASP B 175 15.75 -5.47 16.95
CA ASP B 175 17.07 -5.43 16.31
C ASP B 175 17.95 -4.37 16.98
N SER B 176 17.41 -3.22 17.30
CA SER B 176 18.23 -2.19 17.92
C SER B 176 18.61 -2.53 19.37
N ALA B 177 17.74 -3.26 20.06
CA ALA B 177 18.03 -3.66 21.43
C ALA B 177 19.24 -4.58 21.42
N TYR B 178 19.32 -5.40 20.38
CA TYR B 178 20.41 -6.33 20.24
C TYR B 178 21.67 -5.55 20.06
N THR B 179 21.61 -4.56 19.19
CA THR B 179 22.78 -3.77 18.84
C THR B 179 23.26 -3.04 20.07
N ARG B 180 22.31 -2.64 20.91
CA ARG B 180 22.55 -1.75 22.02
C ARG B 180 22.46 -2.45 23.40
N ALA B 181 22.35 -3.78 23.40
CA ALA B 181 22.12 -4.53 24.65
C ALA B 181 23.12 -4.18 25.77
N GLU B 182 24.40 -4.23 25.50
CA GLU B 182 25.37 -3.96 26.54
C GLU B 182 25.23 -2.57 27.15
N GLU B 183 24.87 -1.59 26.35
CA GLU B 183 24.88 -0.21 26.82
C GLU B 183 23.61 0.08 27.59
N LEU B 184 22.51 -0.55 27.18
CA LEU B 184 21.21 -0.24 27.75
C LEU B 184 20.78 -1.24 28.80
N GLY B 185 21.60 -2.26 29.02
CA GLY B 185 21.23 -3.39 29.86
C GLY B 185 20.92 -3.06 31.30
N ASN B 186 21.63 -2.10 31.87
CA ASN B 186 21.38 -1.64 33.24
C ASN B 186 20.76 -0.23 33.33
N LYS B 187 20.03 0.17 32.31
CA LYS B 187 19.50 1.51 32.28
C LYS B 187 18.03 1.60 32.66
N PHE B 188 17.26 0.56 32.37
CA PHE B 188 15.82 0.61 32.57
C PHE B 188 15.40 -0.48 33.52
N PRO B 189 14.85 -0.11 34.67
CA PRO B 189 14.48 -1.14 35.63
C PRO B 189 13.31 -2.02 35.16
N LEU B 190 12.45 -1.45 34.34
CA LEU B 190 11.30 -2.17 33.85
C LEU B 190 11.48 -2.40 32.36
N LEU B 191 11.33 -3.66 31.96
CA LEU B 191 11.60 -4.07 30.60
C LEU B 191 10.34 -4.73 30.09
N ILE B 192 9.79 -4.20 29.00
CA ILE B 192 8.56 -4.69 28.40
C ILE B 192 8.86 -5.18 26.98
N PHE B 193 8.58 -6.45 26.71
CA PHE B 193 8.72 -7.03 25.38
C PHE B 193 7.35 -7.19 24.78
N ASP B 194 7.08 -6.47 23.71
CA ASP B 194 5.82 -6.64 22.98
C ASP B 194 6.02 -7.79 22.00
N GLU B 195 4.94 -8.47 21.64
CA GLU B 195 4.98 -9.65 20.77
C GLU B 195 6.02 -10.68 21.25
N VAL B 196 5.97 -10.99 22.52
CA VAL B 196 7.09 -11.64 23.19
C VAL B 196 7.37 -13.04 22.67
N HIS B 197 6.46 -13.57 21.85
CA HIS B 197 6.73 -14.84 21.15
C HIS B 197 7.85 -14.74 20.12
N HIS B 198 8.25 -13.53 19.74
CA HIS B 198 9.46 -13.35 18.92
C HIS B 198 10.77 -13.52 19.68
N LEU B 199 10.73 -13.33 20.98
CA LEU B 199 11.93 -13.21 21.78
C LEU B 199 12.77 -14.49 21.81
N PRO B 200 12.14 -15.66 21.70
CA PRO B 200 13.03 -16.83 21.86
C PRO B 200 13.81 -17.16 20.58
N SER B 201 13.46 -16.50 19.47
CA SER B 201 14.14 -16.64 18.16
C SER B 201 15.65 -16.41 18.19
N GLU B 202 16.27 -16.73 17.06
CA GLU B 202 17.68 -16.45 16.79
C GLU B 202 18.02 -15.00 17.04
N GLY B 203 19.10 -14.77 17.77
CA GLY B 203 19.62 -13.42 17.99
C GLY B 203 19.00 -12.83 19.24
N TYR B 204 17.69 -12.74 19.19
CA TYR B 204 16.92 -12.15 20.27
C TYR B 204 16.99 -12.87 21.60
N SER B 205 17.08 -14.19 21.58
CA SER B 205 17.05 -14.97 22.82
C SER B 205 18.21 -14.61 23.74
N ILE B 206 19.36 -14.29 23.16
CA ILE B 206 20.56 -13.95 23.92
C ILE B 206 20.47 -12.51 24.37
N MET B 207 19.94 -11.68 23.50
CA MET B 207 19.83 -10.24 23.75
C MET B 207 19.17 -9.89 25.08
N ALA B 208 18.10 -10.61 25.41
CA ALA B 208 17.30 -10.36 26.60
C ALA B 208 18.06 -10.70 27.88
N GLN B 209 18.96 -11.66 27.78
CA GLN B 209 19.70 -12.12 28.94
C GLN B 209 20.78 -11.14 29.38
N LEU B 210 21.04 -10.12 28.58
CA LEU B 210 22.04 -9.13 28.95
C LEU B 210 21.44 -8.04 29.78
N PHE B 211 20.12 -7.91 29.77
CA PHE B 211 19.47 -6.84 30.53
C PHE B 211 19.29 -7.23 31.99
N ALA B 212 19.87 -6.42 32.86
CA ALA B 212 19.73 -6.63 34.29
C ALA B 212 18.33 -6.29 34.83
N SER B 213 17.50 -5.66 34.00
CA SER B 213 16.18 -5.19 34.41
C SER B 213 15.43 -6.15 35.31
N PRO B 214 15.16 -5.75 36.57
CA PRO B 214 14.48 -6.62 37.56
C PRO B 214 13.03 -6.89 37.24
N TYR B 215 12.34 -5.86 36.78
CA TYR B 215 10.93 -5.97 36.41
C TYR B 215 10.79 -6.20 34.91
N ARG B 216 10.09 -7.27 34.55
CA ARG B 216 10.00 -7.72 33.18
C ARG B 216 8.55 -8.08 32.82
N LEU B 217 8.10 -7.66 31.66
CA LEU B 217 6.75 -7.91 31.22
C LEU B 217 6.73 -8.25 29.76
N GLY B 218 6.15 -9.40 29.44
CA GLY B 218 5.91 -9.80 28.07
C GLY B 218 4.44 -9.68 27.75
N LEU B 219 4.14 -9.39 26.50
CA LEU B 219 2.77 -9.29 26.00
C LEU B 219 2.68 -10.07 24.73
N THR B 220 1.66 -10.92 24.62
CA THR B 220 1.35 -11.54 23.35
C THR B 220 -0.05 -12.10 23.35
N ALA B 221 -0.61 -12.25 22.15
CA ALA B 221 -1.84 -13.01 21.97
C ALA B 221 -1.61 -14.52 21.72
N THR B 222 -0.36 -14.91 21.41
CA THR B 222 -0.06 -16.21 20.84
C THR B 222 1.25 -16.75 21.44
N PRO B 223 1.26 -17.06 22.73
CA PRO B 223 2.52 -17.38 23.40
C PRO B 223 3.21 -18.64 22.93
N GLU B 224 2.45 -19.56 22.34
CA GLU B 224 3.01 -20.84 21.95
C GLU B 224 3.59 -20.78 20.54
N ARG B 225 4.76 -21.41 20.39
CA ARG B 225 5.51 -21.44 19.15
C ARG B 225 5.61 -22.87 18.73
N ASP B 226 5.65 -23.09 17.42
CA ASP B 226 5.72 -24.45 16.87
C ASP B 226 7.03 -25.16 17.25
N ASP B 227 8.15 -24.45 17.16
CA ASP B 227 9.43 -25.00 17.63
C ASP B 227 9.52 -25.12 19.15
N GLY B 228 8.49 -24.63 19.83
CA GLY B 228 8.37 -24.86 21.26
C GLY B 228 9.47 -24.16 22.01
N LYS B 229 10.10 -23.17 21.38
CA LYS B 229 11.18 -22.43 22.00
C LYS B 229 10.65 -21.48 23.05
N HIS B 230 9.32 -21.39 23.17
CA HIS B 230 8.67 -20.74 24.33
C HIS B 230 8.97 -21.41 25.66
N GLU B 231 9.56 -22.59 25.60
CA GLU B 231 10.12 -23.24 26.80
C GLU B 231 11.11 -22.34 27.49
N LEU B 232 11.60 -21.32 26.78
CA LEU B 232 12.60 -20.40 27.33
C LEU B 232 12.04 -19.23 28.15
N TYR B 233 10.77 -18.92 27.99
CA TYR B 233 10.21 -17.72 28.62
C TYR B 233 10.69 -17.45 30.03
N PRO B 234 10.75 -18.49 30.88
CA PRO B 234 11.20 -18.29 32.25
C PRO B 234 12.59 -17.71 32.45
N ILE B 235 13.47 -17.89 31.47
CA ILE B 235 14.82 -17.37 31.60
C ILE B 235 15.03 -16.04 30.84
N LEU B 236 13.97 -15.57 30.15
CA LEU B 236 13.98 -14.33 29.38
C LEU B 236 13.12 -13.23 30.01
N VAL B 237 11.86 -13.54 30.23
CA VAL B 237 10.91 -12.58 30.77
C VAL B 237 10.32 -13.11 32.07
N GLY B 238 9.78 -14.31 32.03
CA GLY B 238 9.08 -14.90 33.17
C GLY B 238 7.96 -15.74 32.60
N PRO B 239 7.26 -16.50 33.46
CA PRO B 239 6.18 -17.36 32.95
C PRO B 239 4.98 -16.56 32.58
N ILE B 240 3.95 -17.24 32.09
CA ILE B 240 2.68 -16.57 31.88
C ILE B 240 1.98 -16.43 33.24
N VAL B 241 1.54 -15.24 33.55
CA VAL B 241 0.95 -14.96 34.85
C VAL B 241 -0.51 -14.55 34.71
N TYR B 242 -0.98 -14.46 33.46
CA TYR B 242 -2.36 -14.11 33.20
C TYR B 242 -2.71 -14.37 31.74
N ARG B 243 -3.66 -15.27 31.57
CA ARG B 243 -4.13 -15.63 30.26
C ARG B 243 -5.64 -15.64 30.31
N LYS B 244 -6.23 -15.06 29.27
CA LYS B 244 -7.66 -15.06 29.14
C LYS B 244 -7.97 -15.25 27.67
N SER B 245 -8.67 -16.35 27.42
CA SER B 245 -8.90 -16.88 26.09
C SER B 245 -9.89 -16.01 25.33
N VAL B 246 -9.86 -16.10 24.01
CA VAL B 246 -10.60 -15.16 23.15
C VAL B 246 -12.06 -15.18 23.52
N GLU B 247 -12.58 -16.39 23.70
CA GLU B 247 -13.97 -16.58 24.00
C GLU B 247 -14.28 -15.88 25.30
N GLU B 248 -13.49 -16.12 26.34
CA GLU B 248 -13.91 -15.81 27.74
C GLU B 248 -14.40 -14.37 27.97
N LEU B 249 -13.85 -13.40 27.24
CA LEU B 249 -14.25 -12.00 27.40
C LEU B 249 -14.91 -11.49 26.15
N ALA B 250 -15.33 -12.39 25.26
CA ALA B 250 -16.13 -12.01 24.10
C ALA B 250 -17.51 -11.54 24.54
N GLY B 251 -17.99 -12.09 25.66
CA GLY B 251 -19.31 -11.76 26.16
C GLY B 251 -19.41 -10.32 26.61
N LYS B 252 -18.48 -9.91 27.47
CA LYS B 252 -18.64 -8.68 28.23
C LYS B 252 -17.62 -7.67 27.79
N TYR B 253 -17.92 -6.41 28.07
CA TYR B 253 -17.03 -5.28 27.80
C TYR B 253 -16.52 -5.27 26.35
N ILE B 254 -17.44 -5.21 25.39
CA ILE B 254 -17.11 -5.40 23.99
C ILE B 254 -16.51 -4.15 23.33
N ALA B 255 -17.14 -3.00 23.53
CA ALA B 255 -16.62 -1.74 23.02
C ALA B 255 -17.39 -0.61 23.67
N LYS B 256 -16.94 0.63 23.49
CA LYS B 256 -17.69 1.80 23.97
C LYS B 256 -19.00 1.89 23.18
N TYR B 257 -20.09 2.21 23.87
CA TYR B 257 -21.44 1.92 23.35
C TYR B 257 -21.69 2.68 22.04
N LYS B 258 -21.95 1.92 20.98
CA LYS B 258 -22.24 2.47 19.65
C LYS B 258 -23.14 1.51 18.88
N ILE B 259 -24.20 1.03 19.55
CA ILE B 259 -25.06 -0.01 18.99
C ILE B 259 -25.74 0.43 17.69
N LYS B 260 -25.91 -0.53 16.77
CA LYS B 260 -26.43 -0.26 15.44
C LYS B 260 -27.80 -0.94 15.24
N LYS B 261 -28.81 -0.13 14.94
CA LYS B 261 -30.16 -0.64 14.62
C LYS B 261 -30.79 0.14 13.46
N LEU B 262 -30.34 -0.15 12.24
CA LEU B 262 -30.86 0.44 11.02
C LEU B 262 -31.47 -0.65 10.12
N TYR B 263 -32.32 -1.48 10.71
CA TYR B 263 -33.04 -2.54 10.02
C TYR B 263 -34.21 -1.98 9.18
N VAL B 264 -34.75 -2.79 8.28
CA VAL B 264 -35.95 -2.43 7.52
C VAL B 264 -37.18 -2.77 8.37
N SER B 265 -37.99 -1.75 8.66
CA SER B 265 -39.07 -1.88 9.64
C SER B 265 -40.30 -2.56 9.01
N LEU B 266 -40.73 -2.08 7.84
CA LEU B 266 -41.90 -2.64 7.14
C LEU B 266 -41.51 -3.22 5.77
N THR B 267 -41.92 -4.46 5.51
CA THR B 267 -41.76 -5.06 4.17
C THR B 267 -42.66 -4.32 3.21
N ASN B 268 -43.93 -4.17 3.59
CA ASN B 268 -44.92 -3.48 2.75
C ASN B 268 -44.75 -1.96 2.79
N GLU B 269 -44.29 -1.39 1.69
CA GLU B 269 -44.31 0.06 1.48
C GLU B 269 -44.14 0.36 -0.01
N GLU B 270 -44.48 1.60 -0.41
CA GLU B 270 -44.29 2.04 -1.81
C GLU B 270 -42.78 2.09 -2.13
N LYS B 271 -42.44 1.82 -3.39
CA LYS B 271 -41.02 1.70 -3.81
C LYS B 271 -40.28 3.03 -3.77
N LEU B 281 -34.31 -10.31 -7.40
CA LEU B 281 -35.70 -9.95 -7.07
C LEU B 281 -36.76 -10.65 -7.95
N LYS B 282 -36.37 -11.61 -8.78
CA LYS B 282 -37.29 -12.20 -9.74
C LYS B 282 -38.37 -13.05 -9.06
N ASP B 283 -37.95 -13.98 -8.20
CA ASP B 283 -38.87 -14.92 -7.53
C ASP B 283 -38.56 -14.92 -6.03
N PHE B 284 -39.60 -14.85 -5.21
CA PHE B 284 -39.39 -14.78 -3.75
C PHE B 284 -40.08 -15.91 -3.00
N LEU B 285 -41.36 -16.11 -3.29
CA LEU B 285 -42.20 -17.06 -2.56
C LEU B 285 -42.91 -18.08 -3.48
N SER B 286 -42.31 -19.26 -3.63
CA SER B 286 -42.93 -20.39 -4.33
C SER B 286 -42.25 -21.72 -3.98
N SER B 287 -43.03 -22.66 -3.44
CA SER B 287 -42.50 -23.96 -3.04
C SER B 287 -43.38 -25.08 -3.60
N ARG B 288 -42.75 -26.23 -3.85
CA ARG B 288 -43.45 -27.43 -4.32
C ARG B 288 -43.90 -28.31 -3.14
N GLY B 289 -45.11 -28.84 -3.21
CA GLY B 289 -45.70 -29.58 -2.10
C GLY B 289 -46.45 -28.66 -1.16
N LEU B 290 -47.05 -29.22 -0.10
CA LEU B 290 -47.92 -28.48 0.81
C LEU B 290 -47.21 -28.11 2.12
N LYS B 291 -47.64 -27.02 2.73
CA LYS B 291 -47.18 -26.66 4.08
C LYS B 291 -48.12 -27.26 5.13
N LEU B 292 -47.61 -27.38 6.36
CA LEU B 292 -48.41 -27.69 7.53
C LEU B 292 -49.28 -28.96 7.42
N GLN B 293 -48.75 -29.99 6.74
CA GLN B 293 -49.45 -31.28 6.58
C GLN B 293 -48.66 -32.42 7.24
N ASN B 294 -48.49 -32.31 8.56
CA ASN B 294 -47.78 -33.32 9.38
C ASN B 294 -46.27 -33.41 9.10
N LEU B 295 -45.67 -32.32 8.63
CA LEU B 295 -44.24 -32.29 8.30
C LEU B 295 -43.55 -31.07 8.94
N ASP B 296 -42.52 -31.35 9.73
CA ASP B 296 -41.71 -30.30 10.37
C ASP B 296 -40.41 -30.90 10.91
N ASP B 297 -39.31 -30.16 10.83
CA ASP B 297 -37.97 -30.66 11.20
C ASP B 297 -36.85 -29.61 11.10
N PHE B 298 -35.66 -29.95 11.58
CA PHE B 298 -34.56 -29.00 11.66
C PHE B 298 -34.00 -28.65 10.28
N HIS B 299 -33.54 -29.67 9.58
CA HIS B 299 -33.30 -29.58 8.14
C HIS B 299 -34.50 -30.25 7.46
N ARG B 300 -35.04 -29.58 6.44
CA ARG B 300 -36.24 -30.05 5.76
C ARG B 300 -36.00 -31.41 5.11
N LEU B 301 -34.86 -31.55 4.45
CA LEU B 301 -34.52 -32.82 3.80
C LEU B 301 -33.04 -32.96 3.47
N VAL B 302 -32.63 -34.21 3.23
CA VAL B 302 -31.29 -34.53 2.80
C VAL B 302 -31.04 -34.25 1.30
N LYS B 303 -32.01 -33.66 0.61
CA LYS B 303 -31.94 -33.33 -0.81
C LYS B 303 -31.88 -34.53 -1.77
N LEU B 304 -32.24 -35.71 -1.27
CA LEU B 304 -32.22 -36.94 -2.07
C LEU B 304 -33.59 -37.22 -2.70
N ALA B 305 -34.48 -36.24 -2.72
CA ALA B 305 -35.92 -36.51 -2.98
C ALA B 305 -36.21 -36.91 -4.43
N ALA B 306 -35.52 -36.29 -5.38
CA ALA B 306 -35.67 -36.67 -6.80
C ALA B 306 -34.28 -36.87 -7.44
N LYS B 307 -33.69 -38.03 -7.14
CA LYS B 307 -32.37 -38.42 -7.67
C LYS B 307 -31.26 -37.40 -7.34
N ASP B 308 -31.34 -36.83 -6.15
CA ASP B 308 -30.40 -35.78 -5.71
C ASP B 308 -30.46 -34.52 -6.58
N LYS B 309 -31.67 -33.98 -6.76
CA LYS B 309 -31.89 -32.87 -7.70
C LYS B 309 -32.88 -31.77 -7.26
N GLU B 310 -33.44 -31.85 -6.05
CA GLU B 310 -34.36 -30.81 -5.57
C GLU B 310 -33.70 -29.42 -5.62
N ALA B 311 -32.54 -29.32 -4.96
CA ALA B 311 -31.82 -28.05 -4.79
C ALA B 311 -32.74 -26.86 -4.46
N ARG B 312 -33.83 -27.13 -3.74
CA ARG B 312 -34.86 -26.13 -3.51
C ARG B 312 -34.35 -25.04 -2.57
N GLU B 313 -33.59 -25.44 -1.56
CA GLU B 313 -33.13 -24.51 -0.53
C GLU B 313 -32.02 -23.61 -1.07
N ALA B 314 -31.12 -24.18 -1.86
CA ALA B 314 -30.05 -23.37 -2.50
C ALA B 314 -30.65 -22.43 -3.56
N LEU B 315 -31.54 -22.97 -4.39
CA LEU B 315 -32.24 -22.15 -5.39
C LEU B 315 -33.10 -21.09 -4.71
N LEU B 316 -33.79 -21.50 -3.64
CA LEU B 316 -34.73 -20.63 -2.95
C LEU B 316 -34.03 -19.51 -2.17
N ALA B 317 -32.80 -19.77 -1.74
CA ALA B 317 -32.01 -18.80 -0.97
C ALA B 317 -31.62 -17.60 -1.83
N TRP B 318 -31.17 -17.89 -3.04
CA TRP B 318 -30.81 -16.84 -4.00
C TRP B 318 -29.61 -16.00 -3.56
N HIS B 319 -28.75 -16.56 -2.70
CA HIS B 319 -27.49 -15.93 -2.31
C HIS B 319 -27.63 -14.46 -1.91
N GLU B 320 -28.72 -14.10 -1.24
CA GLU B 320 -29.02 -12.72 -0.84
C GLU B 320 -29.03 -11.74 -2.02
N SER B 321 -29.85 -12.05 -3.02
CA SER B 321 -29.84 -11.30 -4.28
C SER B 321 -30.00 -9.78 -4.07
N LEU B 322 -29.12 -9.03 -4.71
CA LEU B 322 -28.89 -7.62 -4.35
C LEU B 322 -30.05 -6.70 -4.72
N ASN B 323 -30.31 -5.74 -3.84
CA ASN B 323 -31.12 -4.57 -4.17
C ASN B 323 -30.16 -3.39 -4.23
N ILE B 324 -29.99 -2.80 -5.41
CA ILE B 324 -29.03 -1.71 -5.60
C ILE B 324 -29.44 -0.52 -4.72
N ALA B 325 -28.85 -0.43 -3.53
CA ALA B 325 -29.25 0.55 -2.51
C ALA B 325 -28.22 1.65 -2.40
N VAL B 326 -27.43 1.86 -3.45
CA VAL B 326 -26.37 2.86 -3.42
C VAL B 326 -26.93 4.28 -3.23
N ASN B 327 -26.44 4.97 -2.22
CA ASN B 327 -26.96 6.28 -1.85
C ASN B 327 -25.77 7.13 -1.48
N SER B 328 -25.72 8.38 -1.97
CA SER B 328 -24.68 9.32 -1.55
C SER B 328 -25.03 9.90 -0.16
N GLN B 329 -24.13 9.68 0.80
CA GLN B 329 -24.19 10.27 2.13
C GLN B 329 -22.78 10.08 2.71
N SER B 330 -22.38 10.91 3.67
CA SER B 330 -21.04 10.80 4.28
C SER B 330 -20.98 11.33 5.71
N LYS B 331 -20.01 10.84 6.49
CA LYS B 331 -19.82 11.26 7.88
C LYS B 331 -19.28 12.68 7.99
N ILE B 332 -19.59 13.32 9.11
CA ILE B 332 -19.04 14.64 9.44
C ILE B 332 -17.52 14.60 9.61
N GLU B 333 -16.99 13.45 10.04
CA GLU B 333 -15.56 13.24 10.23
C GLU B 333 -14.71 13.24 8.94
N LYS B 334 -15.34 13.03 7.79
CA LYS B 334 -14.66 13.12 6.48
C LYS B 334 -13.87 14.42 6.26
N LEU B 335 -12.55 14.30 6.13
CA LEU B 335 -11.65 15.47 6.11
C LEU B 335 -11.40 15.99 4.68
N ARG B 336 -11.93 17.17 4.42
CA ARG B 336 -11.52 18.00 3.28
C ARG B 336 -9.99 18.23 3.24
N GLU B 337 -9.45 18.44 2.04
CA GLU B 337 -8.01 18.71 1.87
C GLU B 337 -7.77 19.84 0.85
N ASN B 344 -11.11 11.19 9.15
CA ASN B 344 -10.73 10.36 8.01
C ASN B 344 -11.75 9.26 7.75
N GLU B 345 -12.10 8.52 8.80
CA GLU B 345 -12.96 7.35 8.68
C GLU B 345 -14.44 7.74 8.53
N LYS B 346 -14.91 7.79 7.28
CA LYS B 346 -16.29 8.17 6.96
C LYS B 346 -17.30 7.01 7.12
N ILE B 347 -17.15 5.96 6.31
CA ILE B 347 -17.95 4.72 6.45
C ILE B 347 -17.07 3.50 6.08
N ILE B 348 -17.43 2.32 6.59
CA ILE B 348 -16.99 1.03 6.02
C ILE B 348 -18.21 0.18 5.62
N VAL B 349 -18.23 -0.23 4.35
CA VAL B 349 -19.43 -0.78 3.70
C VAL B 349 -19.35 -2.31 3.51
N PHE B 350 -19.60 -3.06 4.57
CA PHE B 350 -19.25 -4.49 4.64
C PHE B 350 -20.22 -5.40 3.91
N THR B 351 -19.70 -6.53 3.44
CA THR B 351 -20.53 -7.58 2.85
C THR B 351 -19.90 -8.95 3.02
N ARG B 352 -20.70 -9.93 3.43
CA ARG B 352 -20.27 -11.32 3.54
C ARG B 352 -21.41 -12.23 3.06
N ASP B 353 -21.08 -13.19 2.20
CA ASP B 353 -22.07 -14.14 1.67
C ASP B 353 -21.31 -15.33 1.09
N THR B 354 -22.03 -16.22 0.41
CA THR B 354 -21.42 -17.24 -0.46
C THR B 354 -20.64 -16.56 -1.59
N GLN B 355 -21.27 -15.56 -2.22
CA GLN B 355 -20.60 -14.70 -3.21
C GLN B 355 -19.82 -13.56 -2.53
N MET B 356 -18.51 -13.54 -2.74
CA MET B 356 -17.57 -12.64 -2.02
C MET B 356 -16.80 -11.69 -2.95
N ALA B 357 -16.26 -10.62 -2.37
CA ALA B 357 -15.53 -9.60 -3.12
C ALA B 357 -16.37 -9.03 -4.27
N TYR B 358 -17.61 -8.67 -3.94
CA TYR B 358 -18.67 -8.56 -4.94
C TYR B 358 -18.51 -7.28 -5.78
N ARG B 359 -19.52 -6.99 -6.61
CA ARG B 359 -19.39 -6.11 -7.75
C ARG B 359 -19.47 -4.65 -7.36
N ILE B 360 -19.94 -4.35 -6.13
CA ILE B 360 -20.01 -2.99 -5.59
C ILE B 360 -18.65 -2.30 -5.54
N SER B 361 -17.62 -3.06 -5.16
CA SER B 361 -16.23 -2.59 -5.31
C SER B 361 -15.91 -2.25 -6.77
N LYS B 362 -16.33 -3.11 -7.69
CA LYS B 362 -16.15 -2.87 -9.13
C LYS B 362 -17.09 -1.78 -9.68
N THR B 363 -18.33 -1.74 -9.22
CA THR B 363 -19.40 -0.93 -9.83
C THR B 363 -19.15 0.57 -9.71
N PHE B 364 -18.59 1.01 -8.57
CA PHE B 364 -18.22 2.44 -8.44
C PHE B 364 -16.91 2.70 -7.69
N LEU B 365 -15.82 2.27 -8.31
CA LEU B 365 -14.46 2.78 -8.03
C LEU B 365 -14.00 2.67 -6.58
N ILE B 366 -14.66 1.83 -5.75
CA ILE B 366 -14.26 1.65 -4.35
C ILE B 366 -13.29 0.48 -4.27
N PRO B 367 -12.26 0.57 -3.39
CA PRO B 367 -11.33 -0.55 -3.23
C PRO B 367 -11.93 -1.67 -2.39
N VAL B 368 -11.43 -2.89 -2.61
CA VAL B 368 -11.83 -4.09 -1.86
C VAL B 368 -10.63 -4.68 -1.13
N VAL B 369 -10.83 -5.03 0.14
CA VAL B 369 -9.75 -5.57 0.99
C VAL B 369 -10.07 -6.95 1.56
N THR B 370 -10.26 -7.95 0.69
CA THR B 370 -10.74 -9.26 1.10
C THR B 370 -9.65 -10.02 1.87
N TYR B 371 -10.03 -11.12 2.52
CA TYR B 371 -9.02 -12.06 3.04
C TYR B 371 -8.35 -12.71 1.86
N LYS B 372 -7.02 -12.82 1.93
CA LYS B 372 -6.20 -13.22 0.78
C LYS B 372 -5.87 -12.05 -0.15
N THR B 373 -6.34 -10.84 0.19
CA THR B 373 -5.87 -9.62 -0.48
C THR B 373 -4.42 -9.37 -0.05
N ASP B 374 -3.59 -8.92 -0.98
CA ASP B 374 -2.16 -8.78 -0.71
C ASP B 374 -1.94 -7.81 0.45
N LYS B 375 -0.96 -8.13 1.30
CA LYS B 375 -0.70 -7.36 2.51
C LYS B 375 -0.23 -5.96 2.16
N ASP B 376 0.55 -5.85 1.08
CA ASP B 376 0.96 -4.55 0.52
C ASP B 376 -0.23 -3.68 0.12
N GLU B 377 -1.34 -4.32 -0.25
CA GLU B 377 -2.59 -3.62 -0.54
C GLU B 377 -3.34 -3.14 0.72
N ARG B 378 -3.27 -3.87 1.83
CA ARG B 378 -3.99 -3.52 3.07
C ARG B 378 -3.49 -2.21 3.69
N GLU B 379 -2.18 -1.96 3.62
CA GLU B 379 -1.59 -0.70 4.10
C GLU B 379 -2.06 0.52 3.29
N GLU B 380 -2.09 0.37 1.97
CA GLU B 380 -2.34 1.49 1.04
C GLU B 380 -3.77 2.04 1.14
N ILE B 381 -4.75 1.14 1.27
CA ILE B 381 -6.15 1.57 1.45
C ILE B 381 -6.39 2.12 2.86
N LEU B 382 -5.79 1.49 3.87
CA LEU B 382 -6.00 1.89 5.28
C LEU B 382 -5.33 3.22 5.63
N GLN B 383 -4.14 3.47 5.09
CA GLN B 383 -3.48 4.78 5.23
C GLN B 383 -2.44 5.06 4.14
N LYS B 384 -2.92 5.55 2.99
CA LYS B 384 -2.05 6.04 1.91
C LYS B 384 -1.54 7.45 2.20
N PHE B 385 -2.38 8.26 2.85
CA PHE B 385 -1.94 9.46 3.55
C PHE B 385 -2.80 9.69 4.81
N ARG B 386 -3.22 8.60 5.45
CA ARG B 386 -3.94 8.65 6.73
C ARG B 386 -5.26 9.47 6.67
N ASP B 387 -5.87 9.54 5.48
CA ASP B 387 -7.13 10.24 5.25
C ASP B 387 -8.06 9.33 4.45
N GLY B 388 -9.36 9.34 4.79
CA GLY B 388 -10.32 8.39 4.21
C GLY B 388 -10.78 8.79 2.81
N GLU B 389 -11.00 10.09 2.64
CA GLU B 389 -11.36 10.69 1.34
C GLU B 389 -12.69 10.19 0.78
N TYR B 390 -13.65 9.93 1.67
CA TYR B 390 -14.99 9.49 1.29
C TYR B 390 -15.02 8.26 0.38
N ARG B 391 -14.56 7.13 0.90
CA ARG B 391 -14.67 5.85 0.21
C ARG B 391 -14.82 4.72 1.22
N VAL B 392 -16.06 4.44 1.58
CA VAL B 392 -16.38 3.25 2.39
C VAL B 392 -15.97 2.01 1.58
N ILE B 393 -15.58 0.94 2.29
CA ILE B 393 -15.17 -0.30 1.64
C ILE B 393 -15.49 -1.52 2.50
N VAL B 394 -15.67 -2.66 1.83
CA VAL B 394 -16.16 -3.89 2.44
C VAL B 394 -15.17 -5.02 2.27
N ALA B 395 -15.12 -5.92 3.24
CA ALA B 395 -14.72 -7.30 2.98
C ALA B 395 -14.99 -8.19 4.17
N SER B 396 -15.53 -9.37 3.88
CA SER B 396 -15.58 -10.46 4.85
C SER B 396 -15.64 -11.81 4.11
N THR B 397 -14.53 -12.54 4.19
CA THR B 397 -14.47 -13.92 3.72
C THR B 397 -14.40 -14.84 4.94
N VAL B 398 -14.53 -16.14 4.72
CA VAL B 398 -14.45 -17.10 5.82
C VAL B 398 -13.06 -17.07 6.47
N PHE B 399 -12.88 -16.11 7.38
CA PHE B 399 -11.61 -15.88 8.09
C PHE B 399 -11.82 -15.85 9.62
N ASP B 400 -10.71 -15.69 10.34
CA ASP B 400 -10.75 -15.55 11.81
C ASP B 400 -10.30 -14.17 12.32
N GLU B 401 -9.35 -13.53 11.64
CA GLU B 401 -8.89 -12.18 12.00
C GLU B 401 -9.19 -11.21 10.87
N GLY B 402 -10.24 -10.40 11.03
CA GLY B 402 -10.45 -9.21 10.21
C GLY B 402 -10.65 -7.99 11.07
N VAL B 403 -9.81 -7.87 12.11
CA VAL B 403 -9.93 -6.86 13.17
C VAL B 403 -9.99 -5.43 12.61
N ASP B 404 -9.14 -5.13 11.63
CA ASP B 404 -9.25 -3.91 10.84
C ASP B 404 -9.55 -2.69 11.73
N VAL B 405 -8.58 -2.33 12.57
CA VAL B 405 -8.71 -1.22 13.52
C VAL B 405 -9.12 0.13 12.91
N PRO B 406 -8.71 0.40 11.65
CA PRO B 406 -9.18 1.59 10.92
C PRO B 406 -10.70 1.85 10.82
N ASP B 407 -11.52 0.81 10.99
CA ASP B 407 -12.97 0.86 10.75
C ASP B 407 -13.60 2.17 11.22
N ALA B 408 -14.50 2.73 10.42
CA ALA B 408 -14.91 4.12 10.55
C ALA B 408 -16.18 4.36 11.37
N THR B 409 -16.47 5.64 11.62
CA THR B 409 -17.72 6.06 12.28
C THR B 409 -18.95 5.75 11.40
N LEU B 410 -19.96 5.17 12.02
CA LEU B 410 -21.16 4.66 11.30
C LEU B 410 -20.76 3.92 10.02
N ALA B 411 -20.18 2.73 10.22
CA ALA B 411 -19.98 1.77 9.14
C ALA B 411 -21.32 1.28 8.62
N ILE B 412 -21.42 1.21 7.29
CA ILE B 412 -22.65 0.80 6.60
C ILE B 412 -22.43 -0.63 6.09
N VAL B 413 -23.40 -1.52 6.29
CA VAL B 413 -23.24 -2.89 5.82
C VAL B 413 -24.29 -3.19 4.73
N MET B 414 -23.77 -3.42 3.51
CA MET B 414 -24.60 -3.78 2.37
C MET B 414 -24.89 -5.28 2.33
N GLY B 415 -24.08 -6.06 3.05
CA GLY B 415 -24.31 -7.49 3.25
C GLY B 415 -24.28 -7.90 4.72
N GLY B 416 -24.67 -6.98 5.61
CA GLY B 416 -24.88 -7.30 7.03
C GLY B 416 -26.14 -8.15 7.21
N TYR B 417 -25.94 -9.40 7.64
CA TYR B 417 -27.04 -10.32 7.91
C TYR B 417 -27.46 -10.14 9.37
N GLY B 418 -28.76 -9.99 9.63
CA GLY B 418 -29.28 -9.58 10.95
C GLY B 418 -28.97 -10.48 12.14
N THR B 419 -28.97 -11.79 11.92
CA THR B 419 -28.61 -12.74 13.00
C THR B 419 -27.10 -12.70 13.28
N LYS B 420 -26.32 -12.51 12.22
CA LYS B 420 -24.87 -12.41 12.32
C LYS B 420 -24.47 -11.07 12.91
N ARG B 421 -25.11 -9.98 12.49
CA ARG B 421 -24.61 -8.62 12.74
C ARG B 421 -24.72 -8.17 14.21
N GLN B 422 -25.80 -8.55 14.88
CA GLN B 422 -25.96 -8.24 16.30
C GLN B 422 -24.88 -8.94 17.13
N PHE B 423 -24.57 -10.18 16.74
CA PHE B 423 -23.59 -10.99 17.44
C PHE B 423 -22.15 -10.51 17.19
N LEU B 424 -21.80 -10.28 15.93
CA LEU B 424 -20.41 -9.94 15.53
C LEU B 424 -20.19 -8.44 15.31
N GLN B 425 -21.07 -7.60 15.86
CA GLN B 425 -20.98 -6.14 15.71
C GLN B 425 -19.76 -5.53 16.38
N ARG B 426 -19.21 -6.22 17.38
CA ARG B 426 -18.16 -5.70 18.27
C ARG B 426 -16.97 -5.01 17.59
N LEU B 427 -16.62 -5.49 16.39
CA LEU B 427 -15.59 -4.85 15.57
C LEU B 427 -16.00 -3.46 15.08
N GLY B 428 -17.30 -3.24 14.88
CA GLY B 428 -17.83 -1.98 14.36
C GLY B 428 -17.40 -0.71 15.09
N ARG B 429 -17.38 -0.75 16.41
CA ARG B 429 -17.02 0.42 17.24
C ARG B 429 -15.53 0.79 17.19
N ILE B 430 -15.05 1.18 16.02
CA ILE B 430 -13.70 1.68 15.85
C ILE B 430 -13.77 3.21 15.88
N LEU B 431 -13.86 3.77 17.08
CA LEU B 431 -13.81 5.21 17.28
C LEU B 431 -12.67 5.57 18.25
N ARG B 432 -11.78 6.47 17.82
CA ARG B 432 -10.67 6.91 18.66
C ARG B 432 -10.67 8.42 18.93
N LYS B 433 -11.25 9.19 18.01
CA LYS B 433 -11.52 10.62 18.23
C LYS B 433 -12.80 10.79 19.03
N LYS B 434 -12.99 11.99 19.60
CA LYS B 434 -14.05 12.23 20.57
C LYS B 434 -15.48 12.17 19.98
N ASP B 435 -15.94 10.95 19.69
CA ASP B 435 -17.23 10.70 19.01
C ASP B 435 -18.18 9.93 19.92
N LYS B 436 -19.30 10.56 20.30
CA LYS B 436 -20.29 9.94 21.18
C LYS B 436 -21.70 9.75 20.56
N GLU B 437 -21.78 9.69 19.23
CA GLU B 437 -23.03 9.39 18.54
C GLU B 437 -22.71 8.67 17.22
N ALA B 438 -22.63 7.33 17.27
CA ALA B 438 -22.44 6.52 16.08
C ALA B 438 -23.38 5.31 16.07
N LEU B 439 -24.17 5.16 15.00
CA LEU B 439 -24.95 3.95 14.76
C LEU B 439 -24.76 3.50 13.30
N LEU B 440 -24.65 2.19 13.12
CA LEU B 440 -24.36 1.58 11.81
C LEU B 440 -25.62 1.39 10.97
N ILE B 441 -25.44 1.11 9.69
CA ILE B 441 -26.55 0.88 8.77
C ILE B 441 -26.72 -0.62 8.48
N GLU B 442 -27.88 -0.99 7.94
CA GLU B 442 -28.14 -2.37 7.51
C GLU B 442 -28.91 -2.39 6.18
N ILE B 443 -29.18 -3.58 5.66
CA ILE B 443 -29.94 -3.75 4.41
C ILE B 443 -31.41 -4.07 4.69
S SO4 C . 5.71 -4.74 -6.58
O1 SO4 C . 5.11 -3.85 -5.56
O2 SO4 C . 7.02 -5.17 -6.06
O3 SO4 C . 5.92 -4.08 -7.89
O4 SO4 C . 4.87 -5.96 -6.77
S SO4 D . 7.89 -9.54 -8.81
O1 SO4 D . 6.53 -9.32 -9.33
O2 SO4 D . 8.10 -8.69 -7.61
O3 SO4 D . 8.88 -9.11 -9.84
O4 SO4 D . 7.99 -10.98 -8.45
S SO4 E . 5.28 -12.73 -15.69
O1 SO4 E . 6.18 -12.68 -14.51
O2 SO4 E . 3.89 -12.46 -15.25
O3 SO4 E . 5.71 -11.73 -16.70
O4 SO4 E . 5.27 -14.08 -16.36
S SO4 F . 17.37 -25.49 -10.61
O1 SO4 F . 16.88 -24.65 -11.72
O2 SO4 F . 16.75 -25.13 -9.30
O3 SO4 F . 18.86 -25.42 -10.53
O4 SO4 F . 16.94 -26.88 -10.86
S SO4 G . 20.53 -8.00 14.24
O1 SO4 G . 21.36 -6.78 14.07
O2 SO4 G . 19.43 -7.65 15.18
O3 SO4 G . 21.34 -9.11 14.82
O4 SO4 G . 19.91 -8.42 12.94
S SO4 H . -21.81 -3.06 -38.14
O1 SO4 H . -22.12 -2.62 -36.76
O2 SO4 H . -23.09 -3.20 -38.87
O3 SO4 H . -20.82 -2.06 -38.67
O4 SO4 H . -21.19 -4.40 -38.15
S SO4 I . -29.15 -4.19 -37.40
O1 SO4 I . -29.73 -4.36 -36.05
O2 SO4 I . -28.23 -3.01 -37.37
O3 SO4 I . -30.27 -3.96 -38.34
O4 SO4 I . -28.43 -5.39 -37.86
CL CL J . 10.28 -3.57 10.53
CL CL K . 6.58 -14.10 -6.88
CL CL L . -19.62 -6.70 -33.74
CL CL M . 9.90 9.13 6.58
CL CL N . 12.28 12.86 8.29
C1 GOL O . 26.96 -17.95 -13.06
O1 GOL O . 26.82 -16.62 -12.49
C2 GOL O . 26.22 -18.10 -14.38
O2 GOL O . 24.84 -18.30 -14.08
C3 GOL O . 26.36 -16.86 -15.28
O3 GOL O . 27.74 -16.53 -15.58
C1 GOL P . 21.09 -13.14 -18.84
O1 GOL P . 21.19 -14.57 -18.84
C2 GOL P . 22.31 -12.50 -18.18
O2 GOL P . 23.04 -13.51 -17.48
C3 GOL P . 23.24 -11.86 -19.22
O3 GOL P . 24.32 -11.12 -18.64
C1 GOL Q . 34.31 22.39 -8.33
O1 GOL Q . 34.99 23.49 -8.94
C2 GOL Q . 33.87 22.74 -6.90
O2 GOL Q . 34.90 22.34 -5.97
C3 GOL Q . 32.46 22.18 -6.59
O3 GOL Q . 32.48 21.14 -5.62
C1 GOL R . -14.11 8.55 -15.71
O1 GOL R . -13.51 7.93 -16.86
C2 GOL R . -15.58 8.15 -15.53
O2 GOL R . -16.07 7.46 -16.68
C3 GOL R . -15.80 7.28 -14.29
O3 GOL R . -16.55 7.99 -13.29
C1 GOL S . 17.24 -23.29 -3.78
O1 GOL S . 16.70 -24.31 -2.91
C2 GOL S . 18.28 -22.46 -3.03
O2 GOL S . 18.35 -21.11 -3.55
C3 GOL S . 19.65 -23.15 -3.07
O3 GOL S . 20.31 -23.08 -1.79
C1 GOL T . 31.19 6.49 -17.32
O1 GOL T . 29.83 6.94 -17.21
C2 GOL T . 31.67 5.85 -16.00
O2 GOL T . 31.43 6.67 -14.83
C3 GOL T . 33.18 5.52 -16.04
O3 GOL T . 33.57 5.09 -17.37
S SO4 U . -4.23 -4.86 21.89
O1 SO4 U . -4.21 -5.77 23.05
O2 SO4 U . -5.40 -3.98 21.86
O3 SO4 U . -3.04 -3.98 22.00
O4 SO4 U . -4.18 -5.67 20.65
S SO4 V . -3.28 17.35 29.42
O1 SO4 V . -3.72 18.73 29.73
O2 SO4 V . -4.39 16.41 29.74
O3 SO4 V . -2.10 17.01 30.24
O4 SO4 V . -2.91 17.31 27.99
S SO4 W . 18.50 3.68 13.80
O1 SO4 W . 19.36 4.89 13.76
O2 SO4 W . 17.09 4.05 14.12
O3 SO4 W . 19.00 2.73 14.84
O4 SO4 W . 18.60 3.04 12.48
S SO4 X . -6.15 3.59 20.79
O1 SO4 X . -5.83 2.58 21.85
O2 SO4 X . -7.47 4.22 21.06
O3 SO4 X . -6.17 2.95 19.45
O4 SO4 X . -5.14 4.66 20.76
S SO4 Y . 2.92 12.01 38.18
O1 SO4 Y . 2.95 12.84 39.42
O2 SO4 Y . 2.06 10.83 38.42
O3 SO4 Y . 2.26 12.79 37.11
O4 SO4 Y . 4.32 11.65 37.74
CL CL Z . 10.54 -16.20 14.53
CL CL AA . 14.19 -19.32 15.34
C1 GOL BA . 23.69 5.16 28.14
O1 GOL BA . 24.90 4.57 28.66
C2 GOL BA . 22.88 5.87 29.22
O2 GOL BA . 21.52 5.51 29.05
C3 GOL BA . 22.96 7.40 29.19
O3 GOL BA . 22.95 7.95 30.52
#